data_1XHS
#
_entry.id   1XHS
#
_entity_poly.entity_id   1
_entity_poly.type   'polypeptide(L)'
_entity_poly.pdbx_seq_one_letter_code
;MRIFVYGSLRHKQGNSHWMTNAQLLGDFSIDNYQLYSLGHYPGAVPGNGTVHGEVYRIDNATLAELDALRTRGGEYARQL
IQTPYGSAWMYVYQRPVDGLKLIESGDWLDRDKLEHHHHHH
;
_entity_poly.pdbx_strand_id   A
#
# COMPACT_ATOMS: atom_id res chain seq x y z
N MET A 1 0.09 -6.50 -12.05
CA MET A 1 0.35 -7.43 -10.94
C MET A 1 -0.56 -7.09 -9.78
N ARG A 2 -0.60 -7.91 -8.75
CA ARG A 2 -1.41 -7.62 -7.57
C ARG A 2 -0.61 -6.79 -6.58
N ILE A 3 -1.27 -5.80 -6.00
CA ILE A 3 -0.61 -4.88 -5.08
C ILE A 3 -1.56 -4.51 -3.94
N PHE A 4 -0.99 -4.21 -2.78
CA PHE A 4 -1.77 -3.87 -1.61
C PHE A 4 -2.00 -2.35 -1.54
N VAL A 5 -3.25 -1.96 -1.40
CA VAL A 5 -3.60 -0.56 -1.32
C VAL A 5 -3.65 -0.09 0.13
N TYR A 6 -2.64 0.68 0.52
CA TYR A 6 -2.58 1.24 1.86
C TYR A 6 -2.78 2.75 1.81
N GLY A 7 -3.36 3.22 0.72
CA GLY A 7 -3.64 4.63 0.58
C GLY A 7 -5.12 4.90 0.52
N SER A 8 -5.80 4.64 1.65
CA SER A 8 -7.26 4.73 1.78
C SER A 8 -7.99 3.76 0.84
N LEU A 9 -9.19 3.34 1.24
CA LEU A 9 -9.99 2.45 0.41
C LEU A 9 -10.45 3.21 -0.83
N ARG A 10 -10.44 4.52 -0.72
CA ARG A 10 -10.82 5.40 -1.81
C ARG A 10 -9.79 5.33 -2.93
N HIS A 11 -8.59 4.85 -2.59
CA HIS A 11 -7.46 4.72 -3.52
C HIS A 11 -7.29 5.96 -4.40
N LYS A 12 -6.65 5.80 -5.53
CA LYS A 12 -6.46 6.91 -6.46
C LYS A 12 -6.44 6.39 -7.89
N GLN A 13 -7.10 7.12 -8.79
CA GLN A 13 -7.19 6.71 -10.19
C GLN A 13 -5.87 6.98 -10.91
N GLY A 14 -5.04 7.79 -10.29
CA GLY A 14 -3.74 8.09 -10.85
C GLY A 14 -3.83 8.90 -12.12
N ASN A 15 -3.75 8.22 -13.24
CA ASN A 15 -3.84 8.86 -14.54
C ASN A 15 -4.99 8.26 -15.35
N SER A 16 -5.17 6.96 -15.22
CA SER A 16 -6.22 6.23 -15.91
C SER A 16 -6.20 4.76 -15.53
N HIS A 17 -5.02 4.16 -15.64
CA HIS A 17 -4.82 2.71 -15.41
C HIS A 17 -5.49 2.23 -14.13
N TRP A 18 -5.41 3.03 -13.08
CA TRP A 18 -5.78 2.60 -11.74
C TRP A 18 -7.29 2.61 -11.52
N MET A 19 -8.05 2.91 -12.56
CA MET A 19 -9.50 2.79 -12.49
C MET A 19 -10.02 1.98 -13.67
N THR A 20 -9.12 1.62 -14.57
CA THR A 20 -9.50 0.90 -15.76
C THR A 20 -9.31 -0.61 -15.59
N ASN A 21 -8.05 -1.02 -15.46
CA ASN A 21 -7.73 -2.44 -15.35
C ASN A 21 -7.72 -2.88 -13.89
N ALA A 22 -7.99 -1.95 -13.00
CA ALA A 22 -8.01 -2.25 -11.57
C ALA A 22 -9.20 -3.12 -11.21
N GLN A 23 -8.93 -4.36 -10.86
CA GLN A 23 -9.97 -5.28 -10.46
C GLN A 23 -10.01 -5.39 -8.95
N LEU A 24 -11.12 -5.02 -8.36
CA LEU A 24 -11.30 -5.12 -6.93
C LEU A 24 -11.44 -6.58 -6.52
N LEU A 25 -10.37 -7.12 -5.96
CA LEU A 25 -10.38 -8.48 -5.46
C LEU A 25 -11.21 -8.56 -4.19
N GLY A 26 -11.00 -7.58 -3.33
CA GLY A 26 -11.76 -7.47 -2.10
C GLY A 26 -10.95 -6.80 -1.03
N ASP A 27 -11.57 -6.47 0.09
CA ASP A 27 -10.85 -5.88 1.19
C ASP A 27 -10.10 -6.93 1.94
N PHE A 28 -8.96 -6.55 2.44
CA PHE A 28 -8.09 -7.46 3.15
C PHE A 28 -7.21 -6.69 4.13
N SER A 29 -7.59 -6.73 5.40
CA SER A 29 -6.83 -6.08 6.44
C SER A 29 -5.78 -7.05 6.98
N ILE A 30 -4.55 -6.58 7.12
CA ILE A 30 -3.46 -7.45 7.55
C ILE A 30 -2.96 -7.04 8.91
N ASP A 31 -2.93 -7.99 9.82
CA ASP A 31 -2.47 -7.72 11.17
C ASP A 31 -0.96 -7.86 11.23
N ASN A 32 -0.37 -7.37 12.31
CA ASN A 32 1.07 -7.40 12.51
C ASN A 32 1.79 -6.46 11.54
N TYR A 33 1.10 -5.41 11.12
CA TYR A 33 1.73 -4.36 10.31
C TYR A 33 1.31 -2.99 10.83
N GLN A 34 2.17 -2.00 10.68
CA GLN A 34 1.87 -0.65 11.13
C GLN A 34 2.08 0.35 10.01
N LEU A 35 1.36 1.46 10.06
CA LEU A 35 1.41 2.45 9.00
C LEU A 35 2.09 3.74 9.47
N TYR A 36 3.02 4.23 8.67
CA TYR A 36 3.67 5.50 8.93
C TYR A 36 3.09 6.59 8.06
N SER A 37 3.12 7.82 8.55
CA SER A 37 2.80 8.97 7.75
C SER A 37 3.98 9.93 7.76
N LEU A 38 4.69 10.02 6.63
CA LEU A 38 5.92 10.79 6.56
C LEU A 38 5.72 12.13 5.87
N GLY A 39 4.49 12.57 5.77
CA GLY A 39 4.22 13.91 5.30
C GLY A 39 3.31 13.93 4.09
N HIS A 40 3.73 13.23 3.05
CA HIS A 40 2.93 13.11 1.84
C HIS A 40 2.32 11.72 1.77
N TYR A 41 3.12 10.79 1.28
CA TYR A 41 2.72 9.40 1.14
C TYR A 41 2.91 8.66 2.46
N PRO A 42 2.21 7.54 2.65
CA PRO A 42 2.35 6.70 3.83
C PRO A 42 3.37 5.56 3.62
N GLY A 43 3.69 4.88 4.70
CA GLY A 43 4.59 3.74 4.63
C GLY A 43 4.10 2.62 5.52
N ALA A 44 4.43 1.38 5.20
CA ALA A 44 3.90 0.25 5.95
C ALA A 44 4.98 -0.79 6.18
N VAL A 45 4.97 -1.40 7.36
CA VAL A 45 6.01 -2.37 7.73
C VAL A 45 5.44 -3.40 8.71
N PRO A 46 6.13 -4.54 8.90
CA PRO A 46 5.76 -5.53 9.91
C PRO A 46 5.92 -4.98 11.32
N GLY A 47 4.89 -5.17 12.14
CA GLY A 47 4.90 -4.66 13.49
C GLY A 47 3.73 -5.19 14.29
N ASN A 48 2.94 -4.29 14.85
CA ASN A 48 1.79 -4.67 15.66
C ASN A 48 0.60 -3.77 15.37
N GLY A 49 -0.21 -4.18 14.41
CA GLY A 49 -1.39 -3.42 14.06
C GLY A 49 -2.16 -4.08 12.94
N THR A 50 -3.40 -3.65 12.72
CA THR A 50 -4.22 -4.22 11.68
C THR A 50 -4.40 -3.22 10.55
N VAL A 51 -3.73 -3.44 9.42
CA VAL A 51 -3.80 -2.51 8.31
C VAL A 51 -5.05 -2.79 7.48
N HIS A 52 -6.03 -1.92 7.64
CA HIS A 52 -7.33 -2.07 7.01
C HIS A 52 -7.28 -1.65 5.54
N GLY A 53 -6.52 -2.39 4.75
CA GLY A 53 -6.32 -2.05 3.36
C GLY A 53 -7.19 -2.84 2.41
N GLU A 54 -6.94 -2.65 1.13
CA GLU A 54 -7.73 -3.28 0.08
C GLU A 54 -6.78 -3.87 -0.97
N VAL A 55 -7.10 -5.04 -1.49
CA VAL A 55 -6.21 -5.71 -2.44
C VAL A 55 -6.77 -5.66 -3.87
N TYR A 56 -5.94 -5.24 -4.81
CA TYR A 56 -6.36 -5.07 -6.19
C TYR A 56 -5.51 -5.86 -7.15
N ARG A 57 -6.12 -6.26 -8.26
CA ARG A 57 -5.41 -6.87 -9.36
C ARG A 57 -5.33 -5.90 -10.52
N ILE A 58 -4.17 -5.33 -10.73
CA ILE A 58 -3.97 -4.42 -11.85
C ILE A 58 -3.05 -5.06 -12.88
N ASP A 59 -3.06 -4.51 -14.09
CA ASP A 59 -2.22 -4.99 -15.18
C ASP A 59 -0.74 -5.05 -14.78
N ASN A 60 -0.01 -6.02 -15.33
CA ASN A 60 1.40 -6.22 -14.99
C ASN A 60 2.25 -5.01 -15.43
N ALA A 61 1.99 -4.49 -16.62
CA ALA A 61 2.74 -3.36 -17.12
C ALA A 61 2.44 -2.12 -16.30
N THR A 62 1.19 -2.00 -15.89
CA THR A 62 0.76 -0.95 -14.96
C THR A 62 1.57 -0.98 -13.66
N LEU A 63 2.01 -2.19 -13.27
CA LEU A 63 2.83 -2.35 -12.07
C LEU A 63 4.17 -1.68 -12.28
N ALA A 64 4.79 -1.98 -13.42
CA ALA A 64 6.06 -1.37 -13.78
C ALA A 64 5.93 0.13 -13.86
N GLU A 65 4.73 0.61 -14.19
CA GLU A 65 4.48 2.05 -14.26
C GLU A 65 4.53 2.65 -12.85
N LEU A 66 3.86 2.00 -11.92
CA LEU A 66 3.82 2.45 -10.53
C LEU A 66 5.22 2.40 -9.91
N ASP A 67 5.91 1.28 -10.10
CA ASP A 67 7.22 1.05 -9.51
C ASP A 67 8.21 2.09 -10.03
N ALA A 68 8.23 2.27 -11.34
CA ALA A 68 9.14 3.19 -12.00
C ALA A 68 8.89 4.63 -11.57
N LEU A 69 7.66 4.94 -11.20
CA LEU A 69 7.32 6.27 -10.74
C LEU A 69 7.63 6.47 -9.26
N ARG A 70 7.47 5.42 -8.48
CA ARG A 70 7.55 5.52 -7.04
C ARG A 70 8.99 5.44 -6.53
N THR A 71 9.70 4.40 -6.92
CA THR A 71 11.00 4.12 -6.31
C THR A 71 12.15 4.23 -7.32
N ARG A 72 11.94 5.03 -8.37
CA ARG A 72 12.99 5.30 -9.34
C ARG A 72 14.17 5.97 -8.67
N GLY A 73 15.19 5.19 -8.39
CA GLY A 73 16.36 5.70 -7.74
C GLY A 73 16.65 4.96 -6.45
N GLY A 74 15.62 4.33 -5.89
CA GLY A 74 15.79 3.61 -4.64
C GLY A 74 15.16 4.33 -3.47
N GLU A 75 13.85 4.19 -3.33
CA GLU A 75 13.14 4.83 -2.24
C GLU A 75 12.62 3.79 -1.23
N TYR A 76 12.02 2.72 -1.74
CA TYR A 76 11.44 1.69 -0.88
C TYR A 76 11.88 0.31 -1.34
N ALA A 77 11.54 -0.70 -0.55
CA ALA A 77 11.81 -2.08 -0.92
C ALA A 77 10.51 -2.79 -1.23
N ARG A 78 10.58 -3.79 -2.09
CA ARG A 78 9.40 -4.54 -2.49
C ARG A 78 9.22 -5.75 -1.60
N GLN A 79 8.19 -5.75 -0.78
CA GLN A 79 7.87 -6.87 0.08
C GLN A 79 6.68 -7.61 -0.51
N LEU A 80 6.94 -8.75 -1.12
CA LEU A 80 5.88 -9.52 -1.72
C LEU A 80 5.19 -10.35 -0.65
N ILE A 81 3.92 -10.06 -0.43
CA ILE A 81 3.13 -10.76 0.57
C ILE A 81 2.09 -11.64 -0.09
N GLN A 82 1.98 -12.86 0.40
CA GLN A 82 1.09 -13.85 -0.18
C GLN A 82 -0.30 -13.71 0.43
N THR A 83 -1.22 -13.08 -0.30
CA THR A 83 -2.59 -12.94 0.21
C THR A 83 -3.47 -14.04 -0.39
N PRO A 84 -4.61 -14.34 0.24
CA PRO A 84 -5.55 -15.35 -0.27
C PRO A 84 -6.12 -14.97 -1.64
N TYR A 85 -5.94 -13.71 -2.02
CA TYR A 85 -6.42 -13.22 -3.30
C TYR A 85 -5.25 -13.12 -4.27
N GLY A 86 -4.10 -13.63 -3.85
CA GLY A 86 -2.91 -13.60 -4.67
C GLY A 86 -1.78 -12.82 -4.01
N SER A 87 -0.56 -13.14 -4.37
CA SER A 87 0.59 -12.44 -3.83
C SER A 87 0.59 -10.99 -4.29
N ALA A 88 0.68 -10.07 -3.35
CA ALA A 88 0.62 -8.65 -3.64
C ALA A 88 1.89 -7.95 -3.18
N TRP A 89 2.28 -6.92 -3.90
CA TRP A 89 3.48 -6.15 -3.58
C TRP A 89 3.20 -5.11 -2.50
N MET A 90 3.96 -5.19 -1.42
CA MET A 90 3.91 -4.22 -0.34
C MET A 90 5.21 -3.41 -0.31
N TYR A 91 5.11 -2.09 -0.33
CA TYR A 91 6.31 -1.26 -0.29
C TYR A 91 6.66 -0.87 1.14
N VAL A 92 7.83 -1.30 1.58
CA VAL A 92 8.29 -1.05 2.95
C VAL A 92 9.25 0.11 3.02
N TYR A 93 9.12 0.87 4.10
CA TYR A 93 10.01 1.97 4.42
C TYR A 93 11.46 1.53 4.28
N GLN A 94 12.24 2.28 3.52
CA GLN A 94 13.61 1.90 3.28
C GLN A 94 14.57 3.02 3.65
N ARG A 95 14.02 4.12 4.17
CA ARG A 95 14.82 5.24 4.64
C ARG A 95 14.29 5.72 5.98
N PRO A 96 15.21 6.04 6.92
CA PRO A 96 14.93 6.33 8.34
C PRO A 96 13.55 6.94 8.64
N VAL A 97 12.86 6.32 9.60
CA VAL A 97 11.55 6.79 10.05
C VAL A 97 11.69 7.78 11.20
N ASP A 98 12.89 8.31 11.38
CA ASP A 98 13.16 9.24 12.46
C ASP A 98 12.30 10.49 12.33
N GLY A 99 11.37 10.65 13.25
CA GLY A 99 10.51 11.82 13.26
C GLY A 99 9.25 11.66 12.43
N LEU A 100 8.82 10.42 12.23
CA LEU A 100 7.61 10.17 11.48
C LEU A 100 6.44 9.92 12.42
N LYS A 101 5.23 9.92 11.87
CA LYS A 101 4.05 9.61 12.64
C LYS A 101 3.64 8.16 12.42
N LEU A 102 3.18 7.52 13.49
CA LEU A 102 2.84 6.12 13.44
C LEU A 102 1.37 5.88 13.73
N ILE A 103 0.71 5.17 12.81
CA ILE A 103 -0.64 4.72 13.02
C ILE A 103 -0.60 3.26 13.41
N GLU A 104 -0.47 3.02 14.70
CA GLU A 104 -0.43 1.66 15.24
C GLU A 104 -1.76 0.95 15.06
N SER A 105 -2.78 1.73 14.72
CA SER A 105 -4.11 1.18 14.47
C SER A 105 -4.08 0.36 13.19
N GLY A 106 -3.56 0.95 12.12
CA GLY A 106 -3.45 0.26 10.85
C GLY A 106 -4.42 0.81 9.82
N ASP A 107 -5.38 1.61 10.26
CA ASP A 107 -6.33 2.23 9.33
C ASP A 107 -6.01 3.71 9.16
N TRP A 108 -6.35 4.22 7.99
CA TRP A 108 -6.05 5.59 7.61
C TRP A 108 -6.93 6.57 8.36
N LEU A 109 -8.13 6.12 8.65
CA LEU A 109 -9.16 6.95 9.20
C LEU A 109 -9.24 6.75 10.71
N ASP A 110 -9.80 5.60 11.11
CA ASP A 110 -9.80 5.13 12.51
C ASP A 110 -10.61 6.00 13.48
N ARG A 111 -10.40 7.30 13.41
CA ARG A 111 -10.85 8.22 14.46
C ARG A 111 -12.31 8.59 14.33
N ASP A 112 -13.05 7.81 13.56
CA ASP A 112 -14.49 7.88 13.58
C ASP A 112 -15.01 6.89 14.62
N LYS A 113 -14.08 6.02 15.08
CA LYS A 113 -14.32 5.01 16.12
C LYS A 113 -15.54 4.15 15.84
N MET A 1 -1.58 -8.19 -12.43
CA MET A 1 -0.65 -7.97 -11.30
C MET A 1 -1.45 -7.63 -10.04
N ARG A 2 -0.95 -8.07 -8.89
CA ARG A 2 -1.60 -7.80 -7.63
C ARG A 2 -0.76 -6.88 -6.76
N ILE A 3 -1.36 -5.81 -6.27
CA ILE A 3 -0.68 -4.87 -5.41
C ILE A 3 -1.52 -4.63 -4.15
N PHE A 4 -0.86 -4.54 -3.02
CA PHE A 4 -1.54 -4.29 -1.76
C PHE A 4 -1.46 -2.80 -1.44
N VAL A 5 -2.59 -2.13 -1.53
CA VAL A 5 -2.62 -0.69 -1.35
C VAL A 5 -2.98 -0.33 0.09
N TYR A 6 -1.99 0.13 0.81
CA TYR A 6 -2.16 0.54 2.20
C TYR A 6 -2.57 2.00 2.27
N GLY A 7 -3.84 2.24 1.97
CA GLY A 7 -4.39 3.57 2.00
C GLY A 7 -5.67 3.63 1.21
N SER A 8 -6.51 4.62 1.48
CA SER A 8 -7.76 4.78 0.75
C SER A 8 -7.50 5.18 -0.71
N LEU A 9 -7.36 4.18 -1.57
CA LEU A 9 -7.09 4.41 -2.99
C LEU A 9 -8.40 4.76 -3.69
N ARG A 10 -9.49 4.23 -3.18
CA ARG A 10 -10.82 4.49 -3.72
C ARG A 10 -11.18 5.97 -3.67
N HIS A 11 -10.54 6.70 -2.75
CA HIS A 11 -10.77 8.15 -2.66
C HIS A 11 -9.76 8.93 -3.48
N LYS A 12 -8.48 8.60 -3.35
CA LYS A 12 -7.44 9.32 -4.09
C LYS A 12 -7.00 8.57 -5.34
N GLN A 13 -7.64 8.86 -6.45
CA GLN A 13 -7.21 8.33 -7.74
C GLN A 13 -6.04 9.17 -8.27
N GLY A 14 -4.83 8.70 -8.01
CA GLY A 14 -3.64 9.45 -8.39
C GLY A 14 -3.43 9.53 -9.88
N ASN A 15 -3.63 8.42 -10.56
CA ASN A 15 -3.43 8.35 -12.00
C ASN A 15 -4.52 7.51 -12.63
N SER A 16 -4.77 7.72 -13.91
CA SER A 16 -5.79 6.97 -14.65
C SER A 16 -5.56 5.46 -14.53
N HIS A 17 -4.29 5.04 -14.45
CA HIS A 17 -3.95 3.63 -14.33
C HIS A 17 -4.60 2.99 -13.11
N TRP A 18 -4.77 3.78 -12.06
CA TRP A 18 -5.36 3.30 -10.82
C TRP A 18 -6.83 2.96 -10.99
N MET A 19 -7.57 3.85 -11.63
CA MET A 19 -9.00 3.65 -11.85
C MET A 19 -9.27 2.64 -12.97
N THR A 20 -8.35 2.54 -13.92
CA THR A 20 -8.55 1.72 -15.10
C THR A 20 -8.29 0.25 -14.81
N ASN A 21 -9.24 -0.60 -15.23
CA ASN A 21 -9.19 -2.07 -15.12
C ASN A 21 -8.86 -2.54 -13.70
N ALA A 22 -9.04 -1.66 -12.73
CA ALA A 22 -8.80 -2.00 -11.35
C ALA A 22 -9.94 -2.81 -10.78
N GLN A 23 -9.64 -4.04 -10.39
CA GLN A 23 -10.63 -4.88 -9.76
C GLN A 23 -10.33 -5.00 -8.28
N LEU A 24 -11.23 -4.46 -7.47
CA LEU A 24 -11.11 -4.59 -6.04
C LEU A 24 -11.28 -6.04 -5.64
N LEU A 25 -10.17 -6.70 -5.37
CA LEU A 25 -10.20 -8.08 -4.89
C LEU A 25 -10.88 -8.12 -3.54
N GLY A 26 -10.70 -7.04 -2.80
CA GLY A 26 -11.37 -6.87 -1.53
C GLY A 26 -10.46 -6.22 -0.53
N ASP A 27 -10.96 -5.24 0.21
CA ASP A 27 -10.16 -4.65 1.26
C ASP A 27 -10.00 -5.64 2.39
N PHE A 28 -8.76 -5.85 2.73
CA PHE A 28 -8.36 -6.94 3.60
C PHE A 28 -7.28 -6.46 4.56
N SER A 29 -7.58 -6.52 5.85
CA SER A 29 -6.69 -6.01 6.85
C SER A 29 -5.66 -7.07 7.25
N ILE A 30 -4.39 -6.71 7.17
CA ILE A 30 -3.31 -7.60 7.54
C ILE A 30 -2.81 -7.26 8.93
N ASP A 31 -2.72 -8.26 9.77
CA ASP A 31 -2.33 -8.04 11.16
C ASP A 31 -0.82 -8.19 11.30
N ASN A 32 -0.28 -7.61 12.36
CA ASN A 32 1.15 -7.63 12.65
C ASN A 32 1.93 -6.69 11.72
N TYR A 33 1.28 -5.61 11.29
CA TYR A 33 1.94 -4.58 10.49
C TYR A 33 1.62 -3.19 11.03
N GLN A 34 2.42 -2.21 10.65
CA GLN A 34 2.24 -0.83 11.09
C GLN A 34 2.12 0.09 9.88
N LEU A 35 1.42 1.21 10.05
CA LEU A 35 1.25 2.16 8.96
C LEU A 35 1.85 3.52 9.33
N TYR A 36 2.73 4.02 8.49
CA TYR A 36 3.27 5.35 8.65
C TYR A 36 2.42 6.35 7.88
N SER A 37 2.12 7.48 8.50
CA SER A 37 1.30 8.49 7.88
C SER A 37 2.05 9.81 7.81
N LEU A 38 2.65 10.07 6.66
CA LEU A 38 3.39 11.29 6.44
C LEU A 38 2.56 12.28 5.62
N GLY A 39 1.25 12.04 5.57
CA GLY A 39 0.34 12.93 4.88
C GLY A 39 0.41 12.79 3.37
N HIS A 40 1.61 12.96 2.83
CA HIS A 40 1.85 12.86 1.40
C HIS A 40 1.43 11.50 0.88
N TYR A 41 1.93 10.46 1.53
CA TYR A 41 1.65 9.08 1.15
C TYR A 41 1.94 8.14 2.32
N PRO A 42 1.08 7.14 2.54
CA PRO A 42 1.26 6.18 3.64
C PRO A 42 2.35 5.16 3.33
N GLY A 43 2.86 4.52 4.38
CA GLY A 43 3.86 3.48 4.21
C GLY A 43 3.69 2.39 5.26
N ALA A 44 3.56 1.15 4.82
CA ALA A 44 3.29 0.05 5.74
C ALA A 44 4.52 -0.85 5.92
N VAL A 45 4.70 -1.35 7.14
CA VAL A 45 5.84 -2.21 7.47
C VAL A 45 5.40 -3.27 8.48
N PRO A 46 6.18 -4.35 8.66
CA PRO A 46 5.90 -5.35 9.69
C PRO A 46 6.01 -4.76 11.10
N GLY A 47 5.09 -5.16 11.96
CA GLY A 47 5.08 -4.65 13.33
C GLY A 47 3.99 -5.30 14.16
N ASN A 48 3.08 -4.49 14.68
CA ASN A 48 1.97 -5.00 15.48
C ASN A 48 0.73 -4.16 15.26
N GLY A 49 -0.05 -4.53 14.25
CA GLY A 49 -1.28 -3.84 13.96
C GLY A 49 -1.98 -4.42 12.75
N THR A 50 -3.25 -4.11 12.58
CA THR A 50 -4.02 -4.68 11.50
C THR A 50 -4.34 -3.63 10.43
N VAL A 51 -3.57 -3.63 9.34
CA VAL A 51 -3.67 -2.58 8.33
C VAL A 51 -4.80 -2.87 7.35
N HIS A 52 -5.75 -1.94 7.26
CA HIS A 52 -6.96 -2.14 6.48
C HIS A 52 -6.68 -1.94 4.98
N GLY A 53 -5.73 -2.70 4.45
CA GLY A 53 -5.28 -2.46 3.09
C GLY A 53 -6.26 -2.91 2.01
N GLU A 54 -6.16 -2.29 0.85
CA GLU A 54 -7.00 -2.65 -0.28
C GLU A 54 -6.21 -3.52 -1.26
N VAL A 55 -6.68 -4.73 -1.52
CA VAL A 55 -5.99 -5.63 -2.43
C VAL A 55 -6.59 -5.49 -3.82
N TYR A 56 -5.77 -5.18 -4.82
CA TYR A 56 -6.25 -4.93 -6.16
C TYR A 56 -5.63 -5.84 -7.21
N ARG A 57 -6.44 -6.18 -8.20
CA ARG A 57 -5.97 -6.86 -9.38
C ARG A 57 -5.92 -5.88 -10.54
N ILE A 58 -4.73 -5.45 -10.89
CA ILE A 58 -4.55 -4.46 -11.94
C ILE A 58 -3.62 -4.99 -13.02
N ASP A 59 -3.58 -4.31 -14.15
CA ASP A 59 -2.70 -4.66 -15.26
C ASP A 59 -1.25 -4.83 -14.80
N ASN A 60 -0.60 -5.89 -15.28
CA ASN A 60 0.80 -6.20 -14.95
C ASN A 60 1.71 -5.02 -15.26
N ALA A 61 1.47 -4.36 -16.40
CA ALA A 61 2.32 -3.27 -16.86
C ALA A 61 2.17 -2.04 -15.98
N THR A 62 0.98 -1.83 -15.43
CA THR A 62 0.74 -0.75 -14.48
C THR A 62 1.69 -0.88 -13.29
N LEU A 63 2.04 -2.11 -12.94
CA LEU A 63 3.03 -2.35 -11.90
C LEU A 63 4.39 -1.88 -12.35
N ALA A 64 4.75 -2.31 -13.56
CA ALA A 64 6.03 -1.94 -14.16
C ALA A 64 6.14 -0.43 -14.28
N GLU A 65 5.02 0.23 -14.50
CA GLU A 65 5.03 1.69 -14.58
C GLU A 65 5.16 2.28 -13.18
N LEU A 66 4.46 1.66 -12.24
CA LEU A 66 4.45 2.10 -10.86
C LEU A 66 5.84 1.95 -10.23
N ASP A 67 6.47 0.79 -10.40
CA ASP A 67 7.75 0.55 -9.75
C ASP A 67 8.82 1.44 -10.33
N ALA A 68 8.82 1.58 -11.64
CA ALA A 68 9.75 2.45 -12.33
C ALA A 68 9.60 3.88 -11.83
N LEU A 69 8.37 4.23 -11.47
CA LEU A 69 8.04 5.57 -11.03
C LEU A 69 8.30 5.76 -9.52
N ARG A 70 7.91 4.77 -8.74
CA ARG A 70 7.88 4.88 -7.28
C ARG A 70 9.23 4.53 -6.63
N THR A 71 10.27 4.33 -7.45
CA THR A 71 11.63 3.96 -7.01
C THR A 71 11.89 2.46 -7.12
N ARG A 72 10.82 1.68 -7.19
CA ARG A 72 10.91 0.22 -7.32
C ARG A 72 11.61 -0.40 -6.10
N GLY A 73 12.93 -0.41 -6.12
CA GLY A 73 13.68 -1.05 -5.06
C GLY A 73 14.92 -0.25 -4.69
N GLY A 74 14.88 1.05 -4.92
CA GLY A 74 16.00 1.90 -4.56
C GLY A 74 15.73 2.65 -3.27
N GLU A 75 14.84 3.62 -3.34
CA GLU A 75 14.49 4.42 -2.18
C GLU A 75 13.65 3.60 -1.18
N TYR A 76 12.81 2.71 -1.71
CA TYR A 76 11.97 1.87 -0.84
C TYR A 76 12.24 0.40 -1.12
N ALA A 77 11.82 -0.47 -0.20
CA ALA A 77 11.99 -1.91 -0.38
C ALA A 77 10.69 -2.59 -0.79
N ARG A 78 10.79 -3.58 -1.69
CA ARG A 78 9.62 -4.34 -2.11
C ARG A 78 9.47 -5.60 -1.26
N GLN A 79 8.31 -5.76 -0.64
CA GLN A 79 8.01 -6.96 0.11
C GLN A 79 6.84 -7.67 -0.53
N LEU A 80 7.09 -8.79 -1.18
CA LEU A 80 6.02 -9.55 -1.80
C LEU A 80 5.32 -10.41 -0.76
N ILE A 81 4.10 -10.04 -0.43
CA ILE A 81 3.34 -10.75 0.58
C ILE A 81 2.26 -11.62 -0.04
N GLN A 82 2.01 -12.76 0.57
CA GLN A 82 1.05 -13.72 0.05
C GLN A 82 -0.33 -13.46 0.65
N THR A 83 -1.23 -12.87 -0.14
CA THR A 83 -2.58 -12.60 0.37
C THR A 83 -3.53 -13.69 -0.11
N PRO A 84 -4.71 -13.82 0.53
CA PRO A 84 -5.72 -14.82 0.14
C PRO A 84 -6.18 -14.65 -1.31
N TYR A 85 -5.99 -13.46 -1.84
CA TYR A 85 -6.40 -13.16 -3.21
C TYR A 85 -5.22 -13.30 -4.17
N GLY A 86 -4.05 -13.59 -3.61
CA GLY A 86 -2.84 -13.70 -4.40
C GLY A 86 -1.71 -12.88 -3.83
N SER A 87 -0.49 -13.23 -4.16
CA SER A 87 0.66 -12.50 -3.68
C SER A 87 0.68 -11.08 -4.24
N ALA A 88 0.79 -10.12 -3.34
CA ALA A 88 0.75 -8.71 -3.72
C ALA A 88 2.00 -7.98 -3.25
N TRP A 89 2.38 -6.94 -3.99
CA TRP A 89 3.57 -6.17 -3.66
C TRP A 89 3.28 -5.18 -2.53
N MET A 90 4.05 -5.31 -1.47
CA MET A 90 4.00 -4.38 -0.35
C MET A 90 5.27 -3.54 -0.33
N TYR A 91 5.15 -2.23 -0.52
CA TYR A 91 6.32 -1.37 -0.55
C TYR A 91 6.59 -0.77 0.83
N VAL A 92 7.63 -1.26 1.47
CA VAL A 92 7.99 -0.80 2.80
C VAL A 92 8.67 0.55 2.70
N TYR A 93 8.05 1.55 3.34
CA TYR A 93 8.61 2.89 3.36
C TYR A 93 9.92 2.88 4.12
N GLN A 94 10.97 3.26 3.42
CA GLN A 94 12.28 3.26 3.99
C GLN A 94 12.59 4.65 4.51
N ARG A 95 13.86 4.87 4.89
CA ARG A 95 14.33 6.18 5.33
C ARG A 95 13.78 6.52 6.72
N PRO A 96 14.32 7.57 7.37
CA PRO A 96 13.82 8.04 8.68
C PRO A 96 12.32 8.34 8.66
N VAL A 97 11.58 7.62 9.50
CA VAL A 97 10.15 7.82 9.62
C VAL A 97 9.80 8.56 10.90
N ASP A 98 10.82 8.94 11.65
CA ASP A 98 10.66 9.68 12.92
C ASP A 98 10.06 11.07 12.72
N GLY A 99 9.47 11.30 11.56
CA GLY A 99 8.95 12.62 11.23
C GLY A 99 7.51 12.57 10.76
N LEU A 100 6.84 11.45 10.99
CA LEU A 100 5.44 11.30 10.62
C LEU A 100 4.70 10.45 11.63
N LYS A 101 3.39 10.33 11.45
CA LYS A 101 2.54 9.60 12.38
C LYS A 101 2.69 8.09 12.20
N LEU A 102 2.63 7.38 13.31
CA LEU A 102 2.66 5.92 13.30
C LEU A 102 1.30 5.37 13.70
N ILE A 103 0.61 4.79 12.72
CA ILE A 103 -0.70 4.24 12.94
C ILE A 103 -0.57 2.73 13.10
N GLU A 104 -0.42 2.31 14.34
CA GLU A 104 -0.29 0.89 14.65
C GLU A 104 -1.58 0.17 14.30
N SER A 105 -2.67 0.93 14.33
CA SER A 105 -3.99 0.37 14.10
C SER A 105 -4.21 0.02 12.62
N GLY A 106 -3.35 0.54 11.76
CA GLY A 106 -3.42 0.24 10.34
C GLY A 106 -4.63 0.85 9.67
N ASP A 107 -5.05 2.02 10.13
CA ASP A 107 -6.19 2.70 9.54
C ASP A 107 -5.76 4.04 8.96
N TRP A 108 -6.71 4.76 8.37
CA TRP A 108 -6.42 6.09 7.84
C TRP A 108 -7.31 7.12 8.54
N LEU A 109 -8.53 6.69 8.86
CA LEU A 109 -9.53 7.57 9.45
C LEU A 109 -9.56 7.44 10.96
N ASP A 110 -8.94 6.37 11.46
CA ASP A 110 -8.84 6.01 12.89
C ASP A 110 -10.20 5.91 13.59
N ARG A 111 -11.26 6.08 12.82
CA ARG A 111 -12.61 5.89 13.33
C ARG A 111 -13.39 4.97 12.42
N ASP A 112 -13.18 3.69 12.62
CA ASP A 112 -13.81 2.66 11.83
C ASP A 112 -15.14 2.24 12.45
N LYS A 113 -15.48 2.90 13.55
CA LYS A 113 -16.68 2.57 14.31
C LYS A 113 -17.92 3.08 13.62
N MET A 1 -1.93 -8.18 -12.67
CA MET A 1 -0.94 -7.87 -11.61
C MET A 1 -1.68 -7.57 -10.31
N ARG A 2 -1.12 -7.96 -9.17
CA ARG A 2 -1.80 -7.76 -7.90
C ARG A 2 -0.95 -6.98 -6.91
N ILE A 3 -1.57 -5.99 -6.28
CA ILE A 3 -0.87 -5.10 -5.37
C ILE A 3 -1.71 -4.87 -4.11
N PHE A 4 -1.03 -4.68 -2.99
CA PHE A 4 -1.69 -4.39 -1.74
C PHE A 4 -1.79 -2.88 -1.55
N VAL A 5 -3.01 -2.36 -1.60
CA VAL A 5 -3.22 -0.92 -1.55
C VAL A 5 -3.53 -0.46 -0.12
N TYR A 6 -2.76 0.51 0.34
CA TYR A 6 -2.92 1.03 1.69
C TYR A 6 -2.88 2.56 1.68
N GLY A 7 -1.94 3.12 0.93
CA GLY A 7 -1.83 4.57 0.86
C GLY A 7 -2.96 5.23 0.10
N SER A 8 -4.11 5.39 0.78
CA SER A 8 -5.33 5.97 0.20
C SER A 8 -5.71 5.31 -1.12
N LEU A 9 -6.63 4.35 -1.05
CA LEU A 9 -7.06 3.59 -2.23
C LEU A 9 -7.56 4.51 -3.35
N ARG A 10 -8.18 5.62 -2.96
CA ARG A 10 -8.64 6.60 -3.95
C ARG A 10 -7.44 7.18 -4.69
N HIS A 11 -6.55 7.80 -3.93
CA HIS A 11 -5.33 8.41 -4.47
C HIS A 11 -5.65 9.49 -5.51
N LYS A 12 -5.86 9.05 -6.75
CA LYS A 12 -6.14 9.93 -7.87
C LYS A 12 -6.19 9.12 -9.15
N GLN A 13 -7.35 9.08 -9.78
CA GLN A 13 -7.52 8.34 -11.02
C GLN A 13 -8.13 9.25 -12.08
N GLY A 14 -8.79 8.66 -13.06
CA GLY A 14 -9.42 9.45 -14.10
C GLY A 14 -8.69 9.38 -15.41
N ASN A 15 -7.36 9.37 -15.34
CA ASN A 15 -6.54 9.38 -16.55
C ASN A 15 -5.39 8.39 -16.43
N SER A 16 -4.86 8.25 -15.22
CA SER A 16 -3.76 7.34 -14.97
C SER A 16 -4.24 5.89 -14.95
N HIS A 17 -3.30 4.96 -14.95
CA HIS A 17 -3.60 3.53 -14.92
C HIS A 17 -4.17 3.09 -13.57
N TRP A 18 -4.50 4.04 -12.71
CA TRP A 18 -4.99 3.74 -11.38
C TRP A 18 -6.45 3.31 -11.42
N MET A 19 -7.17 3.77 -12.43
CA MET A 19 -8.58 3.41 -12.60
C MET A 19 -8.72 2.32 -13.65
N THR A 20 -7.93 2.45 -14.70
CA THR A 20 -8.02 1.54 -15.82
C THR A 20 -7.27 0.24 -15.54
N ASN A 21 -7.91 -0.89 -15.86
CA ASN A 21 -7.33 -2.24 -15.72
C ASN A 21 -7.32 -2.68 -14.26
N ALA A 22 -7.88 -1.86 -13.39
CA ALA A 22 -7.88 -2.12 -11.97
C ALA A 22 -9.22 -2.66 -11.51
N GLN A 23 -9.18 -3.70 -10.69
CA GLN A 23 -10.38 -4.24 -10.08
C GLN A 23 -10.13 -4.57 -8.62
N LEU A 24 -11.14 -4.35 -7.79
CA LEU A 24 -11.04 -4.64 -6.37
C LEU A 24 -11.23 -6.13 -6.13
N LEU A 25 -10.32 -6.71 -5.37
CA LEU A 25 -10.41 -8.12 -5.02
C LEU A 25 -11.12 -8.29 -3.69
N GLY A 26 -10.78 -7.43 -2.74
CA GLY A 26 -11.46 -7.43 -1.46
C GLY A 26 -10.58 -6.85 -0.39
N ASP A 27 -11.12 -6.73 0.81
CA ASP A 27 -10.33 -6.24 1.93
C ASP A 27 -9.51 -7.34 2.54
N PHE A 28 -8.38 -6.94 3.03
CA PHE A 28 -7.46 -7.82 3.70
C PHE A 28 -6.64 -7.04 4.71
N SER A 29 -7.19 -6.90 5.90
CA SER A 29 -6.52 -6.20 6.98
C SER A 29 -5.54 -7.13 7.67
N ILE A 30 -4.28 -6.71 7.74
CA ILE A 30 -3.22 -7.58 8.23
C ILE A 30 -2.66 -7.09 9.56
N ASP A 31 -2.66 -7.99 10.51
CA ASP A 31 -2.17 -7.72 11.84
C ASP A 31 -0.67 -7.92 11.91
N ASN A 32 -0.05 -7.26 12.88
CA ASN A 32 1.40 -7.29 13.08
C ASN A 32 2.12 -6.51 11.97
N TYR A 33 1.47 -5.46 11.51
CA TYR A 33 2.07 -4.49 10.59
C TYR A 33 1.70 -3.08 11.04
N GLN A 34 2.39 -2.09 10.51
CA GLN A 34 2.15 -0.69 10.89
C GLN A 34 2.13 0.21 9.67
N LEU A 35 1.28 1.23 9.71
CA LEU A 35 1.13 2.15 8.59
C LEU A 35 1.79 3.49 8.92
N TYR A 36 2.59 4.00 8.01
CA TYR A 36 3.20 5.32 8.16
C TYR A 36 2.41 6.34 7.36
N SER A 37 2.03 7.44 8.00
CA SER A 37 1.34 8.51 7.31
C SER A 37 2.24 9.74 7.19
N LEU A 38 2.40 10.23 5.98
CA LEU A 38 3.26 11.38 5.71
C LEU A 38 2.63 12.30 4.66
N GLY A 39 1.34 12.12 4.42
CA GLY A 39 0.62 12.98 3.49
C GLY A 39 0.86 12.62 2.03
N HIS A 40 2.10 12.75 1.58
CA HIS A 40 2.45 12.56 0.17
C HIS A 40 2.09 11.15 -0.30
N TYR A 41 2.44 10.16 0.50
CA TYR A 41 2.09 8.77 0.22
C TYR A 41 2.35 7.90 1.46
N PRO A 42 1.29 7.38 2.08
CA PRO A 42 1.39 6.51 3.24
C PRO A 42 2.15 5.22 2.93
N GLY A 43 2.94 4.77 3.90
CA GLY A 43 3.73 3.56 3.75
C GLY A 43 3.37 2.52 4.79
N ALA A 44 3.99 1.35 4.74
CA ALA A 44 3.62 0.26 5.63
C ALA A 44 4.79 -0.69 5.86
N VAL A 45 4.83 -1.33 7.03
CA VAL A 45 5.91 -2.25 7.39
C VAL A 45 5.41 -3.28 8.40
N PRO A 46 6.17 -4.37 8.63
CA PRO A 46 5.86 -5.33 9.69
C PRO A 46 6.16 -4.74 11.07
N GLY A 47 5.40 -5.16 12.07
CA GLY A 47 5.59 -4.65 13.41
C GLY A 47 4.48 -5.10 14.36
N ASN A 48 3.85 -4.14 15.01
CA ASN A 48 2.79 -4.43 15.97
C ASN A 48 1.63 -3.47 15.75
N GLY A 49 0.70 -3.90 14.91
CA GLY A 49 -0.48 -3.11 14.62
C GLY A 49 -1.37 -3.82 13.65
N THR A 50 -2.48 -3.21 13.25
CA THR A 50 -3.35 -3.82 12.26
C THR A 50 -3.51 -2.89 11.07
N VAL A 51 -3.12 -3.35 9.89
CA VAL A 51 -3.18 -2.53 8.70
C VAL A 51 -4.32 -2.98 7.80
N HIS A 52 -5.35 -2.17 7.73
CA HIS A 52 -6.44 -2.40 6.81
C HIS A 52 -5.95 -2.18 5.40
N GLY A 53 -6.04 -3.20 4.56
CA GLY A 53 -5.51 -3.09 3.23
C GLY A 53 -6.51 -3.49 2.17
N GLU A 54 -6.49 -2.78 1.06
CA GLU A 54 -7.35 -3.08 -0.07
C GLU A 54 -6.57 -3.89 -1.09
N VAL A 55 -6.86 -5.17 -1.21
CA VAL A 55 -6.15 -5.98 -2.19
C VAL A 55 -6.77 -5.76 -3.58
N TYR A 56 -5.95 -5.23 -4.48
CA TYR A 56 -6.43 -4.87 -5.82
C TYR A 56 -5.68 -5.64 -6.89
N ARG A 57 -6.38 -5.87 -7.99
CA ARG A 57 -5.76 -6.42 -9.19
C ARG A 57 -5.67 -5.31 -10.23
N ILE A 58 -4.47 -4.84 -10.48
CA ILE A 58 -4.26 -3.76 -11.43
C ILE A 58 -3.43 -4.27 -12.60
N ASP A 59 -3.34 -3.44 -13.63
CA ASP A 59 -2.53 -3.75 -14.81
C ASP A 59 -1.09 -4.09 -14.44
N ASN A 60 -0.56 -5.13 -15.10
CA ASN A 60 0.82 -5.58 -14.87
C ASN A 60 1.85 -4.50 -15.24
N ALA A 61 1.63 -3.87 -16.38
CA ALA A 61 2.53 -2.81 -16.84
C ALA A 61 2.48 -1.63 -15.90
N THR A 62 1.30 -1.38 -15.35
CA THR A 62 1.11 -0.36 -14.32
C THR A 62 2.03 -0.62 -13.11
N LEU A 63 2.34 -1.89 -12.87
CA LEU A 63 3.28 -2.24 -11.82
C LEU A 63 4.65 -1.74 -12.19
N ALA A 64 5.05 -2.01 -13.43
CA ALA A 64 6.33 -1.50 -13.94
C ALA A 64 6.38 0.02 -13.82
N GLU A 65 5.22 0.65 -13.96
CA GLU A 65 5.11 2.11 -13.83
C GLU A 65 5.22 2.53 -12.37
N LEU A 66 4.37 1.96 -11.53
CA LEU A 66 4.32 2.29 -10.11
C LEU A 66 5.63 1.92 -9.42
N ASP A 67 6.23 0.81 -9.84
CA ASP A 67 7.50 0.36 -9.30
C ASP A 67 8.57 1.40 -9.53
N ALA A 68 8.76 1.74 -10.81
CA ALA A 68 9.75 2.74 -11.21
C ALA A 68 9.53 4.06 -10.47
N LEU A 69 8.26 4.35 -10.18
CA LEU A 69 7.90 5.54 -9.45
C LEU A 69 8.31 5.46 -7.98
N ARG A 70 7.83 4.45 -7.27
CA ARG A 70 7.99 4.41 -5.81
C ARG A 70 9.33 3.80 -5.38
N THR A 71 10.13 3.33 -6.31
CA THR A 71 11.45 2.84 -5.96
C THR A 71 12.54 3.82 -6.39
N ARG A 72 12.70 3.96 -7.70
CA ARG A 72 13.67 4.88 -8.27
C ARG A 72 13.46 6.29 -7.72
N GLY A 73 12.20 6.63 -7.50
CA GLY A 73 11.88 7.95 -6.98
C GLY A 73 11.10 7.87 -5.68
N GLY A 74 11.21 6.75 -4.98
CA GLY A 74 10.45 6.57 -3.76
C GLY A 74 11.30 6.07 -2.61
N GLU A 75 12.36 5.31 -2.93
CA GLU A 75 13.31 4.82 -1.95
C GLU A 75 12.72 3.68 -1.10
N TYR A 76 11.66 3.06 -1.61
CA TYR A 76 11.02 1.95 -0.89
C TYR A 76 11.14 0.67 -1.70
N ALA A 77 10.93 -0.48 -1.07
CA ALA A 77 11.05 -1.75 -1.78
C ALA A 77 9.77 -2.55 -1.64
N ARG A 78 9.48 -3.36 -2.66
CA ARG A 78 8.28 -4.18 -2.65
C ARG A 78 8.53 -5.54 -1.99
N GLN A 79 7.68 -5.86 -1.04
CA GLN A 79 7.70 -7.14 -0.36
C GLN A 79 6.55 -7.97 -0.90
N LEU A 80 6.83 -9.14 -1.44
CA LEU A 80 5.80 -9.95 -2.04
C LEU A 80 5.13 -10.84 -1.01
N ILE A 81 3.88 -10.56 -0.73
CA ILE A 81 3.11 -11.32 0.23
C ILE A 81 2.02 -12.11 -0.47
N GLN A 82 1.91 -13.38 -0.12
CA GLN A 82 0.95 -14.26 -0.76
C GLN A 82 -0.39 -14.16 -0.03
N THR A 83 -1.34 -13.42 -0.61
CA THR A 83 -2.64 -13.29 0.02
C THR A 83 -3.59 -14.34 -0.55
N PRO A 84 -4.69 -14.65 0.17
CA PRO A 84 -5.70 -15.61 -0.30
C PRO A 84 -6.40 -15.16 -1.58
N TYR A 85 -6.07 -13.96 -2.05
CA TYR A 85 -6.65 -13.42 -3.27
C TYR A 85 -5.56 -13.24 -4.32
N GLY A 86 -4.35 -13.66 -3.97
CA GLY A 86 -3.24 -13.54 -4.87
C GLY A 86 -2.06 -12.84 -4.23
N SER A 87 -0.87 -13.18 -4.66
CA SER A 87 0.34 -12.56 -4.14
C SER A 87 0.37 -11.08 -4.54
N ALA A 88 0.45 -10.21 -3.55
CA ALA A 88 0.42 -8.79 -3.79
C ALA A 88 1.73 -8.14 -3.34
N TRP A 89 2.13 -7.10 -4.06
CA TRP A 89 3.35 -6.37 -3.72
C TRP A 89 3.08 -5.34 -2.62
N MET A 90 3.78 -5.49 -1.51
CA MET A 90 3.67 -4.54 -0.40
C MET A 90 4.91 -3.65 -0.34
N TYR A 91 4.77 -2.37 -0.61
CA TYR A 91 5.92 -1.47 -0.61
C TYR A 91 6.24 -0.99 0.80
N VAL A 92 7.42 -1.38 1.26
CA VAL A 92 7.85 -1.14 2.64
C VAL A 92 8.93 -0.08 2.71
N TYR A 93 8.84 0.72 3.77
CA TYR A 93 9.90 1.63 4.16
C TYR A 93 11.23 0.89 4.12
N GLN A 94 12.14 1.36 3.29
CA GLN A 94 13.39 0.67 3.09
C GLN A 94 14.54 1.36 3.82
N ARG A 95 14.43 2.67 4.02
CA ARG A 95 15.48 3.42 4.69
C ARG A 95 15.04 4.80 5.23
N PRO A 96 14.16 5.58 4.55
CA PRO A 96 13.83 6.93 4.98
C PRO A 96 12.52 7.03 5.78
N VAL A 97 12.63 7.16 7.11
CA VAL A 97 11.49 7.50 7.96
C VAL A 97 11.94 8.39 9.13
N ASP A 98 11.91 9.69 8.92
CA ASP A 98 12.24 10.68 9.96
C ASP A 98 11.26 10.65 11.14
N GLY A 99 10.61 9.53 11.35
CA GLY A 99 9.61 9.42 12.40
C GLY A 99 8.23 9.27 11.83
N LEU A 100 7.73 10.33 11.22
CA LEU A 100 6.40 10.35 10.61
C LEU A 100 5.30 10.12 11.65
N LYS A 101 4.08 9.90 11.19
CA LYS A 101 2.99 9.53 12.07
C LYS A 101 2.61 8.09 11.83
N LEU A 102 2.86 7.25 12.82
CA LEU A 102 2.59 5.83 12.71
C LEU A 102 1.15 5.52 13.11
N ILE A 103 0.43 4.87 12.22
CA ILE A 103 -0.93 4.47 12.47
C ILE A 103 -1.00 2.96 12.68
N GLU A 104 -0.90 2.53 13.93
CA GLU A 104 -1.06 1.11 14.25
C GLU A 104 -2.50 0.67 14.00
N SER A 105 -3.38 1.65 13.84
CA SER A 105 -4.78 1.40 13.48
C SER A 105 -4.89 0.97 12.02
N GLY A 106 -3.88 1.32 11.23
CA GLY A 106 -3.82 0.90 9.84
C GLY A 106 -4.98 1.43 9.00
N ASP A 107 -5.39 2.66 9.24
CA ASP A 107 -6.43 3.28 8.43
C ASP A 107 -6.09 4.75 8.23
N TRP A 108 -6.51 5.30 7.09
CA TRP A 108 -6.11 6.63 6.69
C TRP A 108 -7.07 7.68 7.22
N LEU A 109 -8.30 7.26 7.45
CA LEU A 109 -9.39 8.19 7.72
C LEU A 109 -9.99 7.99 9.11
N ASP A 110 -9.90 6.76 9.60
CA ASP A 110 -10.42 6.44 10.93
C ASP A 110 -9.41 6.85 12.00
N ARG A 111 -9.36 8.15 12.26
CA ARG A 111 -8.52 8.69 13.32
C ARG A 111 -9.40 9.38 14.34
N ASP A 112 -10.17 10.34 13.85
CA ASP A 112 -11.06 11.14 14.67
C ASP A 112 -12.28 11.54 13.86
N LYS A 113 -13.36 10.87 14.15
CA LYS A 113 -14.67 11.19 13.59
C LYS A 113 -15.65 11.42 14.72
N MET A 1 -1.50 -8.11 -12.45
CA MET A 1 -0.64 -7.90 -11.27
C MET A 1 -1.49 -7.59 -10.04
N ARG A 2 -1.07 -8.04 -8.88
CA ARG A 2 -1.81 -7.83 -7.66
C ARG A 2 -1.03 -6.89 -6.75
N ILE A 3 -1.69 -5.85 -6.25
CA ILE A 3 -1.04 -4.88 -5.39
C ILE A 3 -1.87 -4.64 -4.13
N PHE A 4 -1.20 -4.38 -3.03
CA PHE A 4 -1.86 -4.14 -1.76
C PHE A 4 -1.86 -2.65 -1.45
N VAL A 5 -3.04 -2.10 -1.23
CA VAL A 5 -3.17 -0.70 -0.89
C VAL A 5 -3.12 -0.55 0.63
N TYR A 6 -2.30 0.37 1.09
CA TYR A 6 -2.02 0.50 2.52
C TYR A 6 -2.40 1.88 3.03
N GLY A 7 -3.56 2.38 2.60
CA GLY A 7 -4.01 3.66 3.09
C GLY A 7 -4.91 4.38 2.11
N SER A 8 -6.17 4.53 2.50
CA SER A 8 -7.19 5.21 1.70
C SER A 8 -7.28 4.66 0.26
N LEU A 9 -8.30 3.85 0.03
CA LEU A 9 -8.56 3.25 -1.30
C LEU A 9 -8.93 4.29 -2.36
N ARG A 10 -8.64 5.56 -2.08
CA ARG A 10 -8.87 6.64 -3.03
C ARG A 10 -8.08 6.38 -4.31
N HIS A 11 -6.93 5.70 -4.14
CA HIS A 11 -6.07 5.22 -5.23
C HIS A 11 -5.81 6.27 -6.33
N LYS A 12 -4.61 6.83 -6.34
CA LYS A 12 -4.22 7.75 -7.40
C LYS A 12 -4.04 6.98 -8.70
N GLN A 13 -4.79 7.37 -9.73
CA GLN A 13 -4.68 6.74 -11.03
C GLN A 13 -3.37 7.10 -11.71
N GLY A 14 -2.46 6.15 -11.77
CA GLY A 14 -1.26 6.34 -12.53
C GLY A 14 -1.52 6.14 -14.01
N ASN A 15 -2.12 7.16 -14.63
CA ASN A 15 -2.52 7.12 -16.03
C ASN A 15 -3.72 6.22 -16.17
N SER A 16 -4.31 6.17 -17.35
CA SER A 16 -5.47 5.30 -17.54
C SER A 16 -5.03 3.84 -17.49
N HIS A 17 -3.72 3.64 -17.61
CA HIS A 17 -3.10 2.33 -17.49
C HIS A 17 -3.48 1.67 -16.16
N TRP A 18 -3.87 2.49 -15.20
CA TRP A 18 -4.27 2.00 -13.89
C TRP A 18 -5.77 1.66 -13.86
N MET A 19 -6.61 2.68 -14.01
CA MET A 19 -8.04 2.56 -13.77
C MET A 19 -8.77 1.75 -14.85
N THR A 20 -8.16 1.63 -16.02
CA THR A 20 -8.79 0.95 -17.14
C THR A 20 -8.53 -0.56 -17.08
N ASN A 21 -8.74 -1.13 -15.90
CA ASN A 21 -8.49 -2.55 -15.62
C ASN A 21 -8.42 -2.74 -14.12
N ALA A 22 -8.19 -1.64 -13.42
CA ALA A 22 -8.15 -1.64 -11.95
C ALA A 22 -9.37 -2.34 -11.34
N GLN A 23 -9.16 -3.54 -10.84
CA GLN A 23 -10.23 -4.33 -10.27
C GLN A 23 -10.04 -4.47 -8.76
N LEU A 24 -10.99 -3.95 -8.00
CA LEU A 24 -10.96 -4.10 -6.55
C LEU A 24 -11.27 -5.54 -6.16
N LEU A 25 -10.24 -6.25 -5.74
CA LEU A 25 -10.39 -7.63 -5.31
C LEU A 25 -11.12 -7.70 -3.97
N GLY A 26 -10.80 -6.74 -3.11
CA GLY A 26 -11.47 -6.65 -1.83
C GLY A 26 -10.53 -6.19 -0.75
N ASP A 27 -11.06 -5.63 0.33
CA ASP A 27 -10.22 -5.23 1.44
C ASP A 27 -9.84 -6.42 2.28
N PHE A 28 -8.62 -6.38 2.75
CA PHE A 28 -8.04 -7.50 3.47
C PHE A 28 -7.00 -7.00 4.47
N SER A 29 -7.29 -7.23 5.75
CA SER A 29 -6.41 -6.77 6.82
C SER A 29 -5.32 -7.80 7.12
N ILE A 30 -4.10 -7.32 7.32
CA ILE A 30 -2.97 -8.19 7.64
C ILE A 30 -2.39 -7.80 8.99
N ASP A 31 -1.86 -8.79 9.70
CA ASP A 31 -1.39 -8.57 11.06
C ASP A 31 0.14 -8.47 11.09
N ASN A 32 0.64 -7.74 12.09
CA ASN A 32 2.08 -7.50 12.29
C ASN A 32 2.62 -6.45 11.32
N TYR A 33 1.81 -5.45 11.00
CA TYR A 33 2.27 -4.33 10.17
C TYR A 33 1.76 -3.01 10.73
N GLN A 34 2.63 -2.01 10.75
CA GLN A 34 2.27 -0.68 11.22
C GLN A 34 2.28 0.30 10.05
N LEU A 35 1.51 1.37 10.15
CA LEU A 35 1.39 2.32 9.05
C LEU A 35 1.87 3.71 9.44
N TYR A 36 2.59 4.36 8.52
CA TYR A 36 3.03 5.73 8.71
C TYR A 36 2.24 6.66 7.80
N SER A 37 2.01 7.88 8.25
CA SER A 37 1.38 8.89 7.43
C SER A 37 2.35 10.05 7.19
N LEU A 38 2.79 10.20 5.96
CA LEU A 38 3.77 11.24 5.64
C LEU A 38 3.16 12.33 4.75
N GLY A 39 1.83 12.38 4.70
CA GLY A 39 1.16 13.48 4.02
C GLY A 39 0.68 13.12 2.63
N HIS A 40 1.59 13.11 1.67
CA HIS A 40 1.25 12.83 0.27
C HIS A 40 0.67 11.43 0.13
N TYR A 41 1.15 10.52 0.96
CA TYR A 41 0.72 9.12 0.94
C TYR A 41 1.18 8.44 2.22
N PRO A 42 0.65 7.24 2.51
CA PRO A 42 1.07 6.45 3.66
C PRO A 42 2.25 5.53 3.34
N GLY A 43 2.67 4.76 4.34
CA GLY A 43 3.72 3.78 4.15
C GLY A 43 3.72 2.78 5.29
N ALA A 44 3.73 1.49 4.98
CA ALA A 44 3.59 0.47 6.01
C ALA A 44 4.89 -0.31 6.20
N VAL A 45 5.01 -0.95 7.35
CA VAL A 45 6.19 -1.76 7.68
C VAL A 45 5.79 -2.92 8.58
N PRO A 46 6.62 -3.97 8.66
CA PRO A 46 6.41 -5.07 9.60
C PRO A 46 6.58 -4.61 11.04
N GLY A 47 5.69 -5.03 11.92
CA GLY A 47 5.75 -4.61 13.30
C GLY A 47 4.62 -5.20 14.13
N ASN A 48 3.88 -4.34 14.81
CA ASN A 48 2.77 -4.78 15.66
C ASN A 48 1.52 -3.98 15.36
N GLY A 49 0.81 -4.38 14.32
CA GLY A 49 -0.42 -3.71 13.95
C GLY A 49 -1.18 -4.50 12.91
N THR A 50 -2.39 -4.08 12.58
CA THR A 50 -3.19 -4.77 11.60
C THR A 50 -3.67 -3.81 10.52
N VAL A 51 -3.09 -3.91 9.34
CA VAL A 51 -3.37 -2.98 8.27
C VAL A 51 -4.63 -3.42 7.51
N HIS A 52 -5.67 -2.61 7.60
CA HIS A 52 -6.93 -2.89 6.94
C HIS A 52 -6.86 -2.43 5.48
N GLY A 53 -5.92 -2.99 4.75
CA GLY A 53 -5.65 -2.52 3.41
C GLY A 53 -6.57 -3.08 2.36
N GLU A 54 -6.56 -2.48 1.18
CA GLU A 54 -7.42 -2.88 0.09
C GLU A 54 -6.59 -3.58 -0.99
N VAL A 55 -6.97 -4.80 -1.34
CA VAL A 55 -6.24 -5.55 -2.36
C VAL A 55 -6.81 -5.25 -3.75
N TYR A 56 -5.93 -4.88 -4.68
CA TYR A 56 -6.34 -4.51 -6.02
C TYR A 56 -5.65 -5.37 -7.08
N ARG A 57 -6.32 -5.55 -8.20
CA ARG A 57 -5.74 -6.20 -9.36
C ARG A 57 -5.60 -5.20 -10.51
N ILE A 58 -4.38 -4.96 -10.93
CA ILE A 58 -4.10 -4.06 -12.04
C ILE A 58 -3.13 -4.72 -13.02
N ASP A 59 -3.02 -4.17 -14.22
CA ASP A 59 -2.09 -4.69 -15.23
C ASP A 59 -0.68 -4.84 -14.66
N ASN A 60 0.02 -5.89 -15.08
CA ASN A 60 1.36 -6.19 -14.58
C ASN A 60 2.30 -5.02 -14.83
N ALA A 61 2.24 -4.47 -16.04
CA ALA A 61 3.13 -3.39 -16.43
C ALA A 61 2.79 -2.12 -15.66
N THR A 62 1.52 -1.94 -15.32
CA THR A 62 1.10 -0.80 -14.51
C THR A 62 1.86 -0.75 -13.19
N LEU A 63 2.12 -1.91 -12.61
CA LEU A 63 2.87 -2.00 -11.37
C LEU A 63 4.30 -1.57 -11.61
N ALA A 64 4.91 -2.18 -12.61
CA ALA A 64 6.29 -1.86 -12.97
C ALA A 64 6.43 -0.39 -13.34
N GLU A 65 5.33 0.20 -13.80
CA GLU A 65 5.31 1.61 -14.16
C GLU A 65 5.27 2.47 -12.89
N LEU A 66 4.35 2.13 -12.00
CA LEU A 66 4.23 2.80 -10.71
C LEU A 66 5.53 2.64 -9.91
N ASP A 67 6.10 1.44 -10.00
CA ASP A 67 7.34 1.10 -9.33
C ASP A 67 8.47 1.99 -9.84
N ALA A 68 8.60 2.05 -11.17
CA ALA A 68 9.64 2.82 -11.83
C ALA A 68 9.50 4.32 -11.54
N LEU A 69 8.31 4.72 -11.14
CA LEU A 69 8.08 6.09 -10.73
C LEU A 69 8.42 6.30 -9.26
N ARG A 70 7.91 5.43 -8.41
CA ARG A 70 8.06 5.59 -6.95
C ARG A 70 9.46 5.25 -6.48
N THR A 71 9.93 4.06 -6.82
CA THR A 71 11.19 3.56 -6.29
C THR A 71 12.18 3.29 -7.43
N ARG A 72 12.19 4.24 -8.36
CA ARG A 72 13.04 4.21 -9.55
C ARG A 72 14.49 3.88 -9.23
N GLY A 73 15.01 4.48 -8.16
CA GLY A 73 16.40 4.29 -7.82
C GLY A 73 16.59 3.57 -6.50
N GLY A 74 15.51 2.99 -6.00
CA GLY A 74 15.57 2.32 -4.71
C GLY A 74 15.15 3.25 -3.59
N GLU A 75 13.84 3.34 -3.38
CA GLU A 75 13.29 4.23 -2.36
C GLU A 75 12.35 3.45 -1.43
N TYR A 76 11.82 2.34 -1.94
CA TYR A 76 10.90 1.52 -1.17
C TYR A 76 11.30 0.06 -1.23
N ALA A 77 10.72 -0.74 -0.35
CA ALA A 77 10.97 -2.17 -0.35
C ALA A 77 9.73 -2.92 -0.79
N ARG A 78 9.89 -3.79 -1.77
CA ARG A 78 8.77 -4.57 -2.28
C ARG A 78 8.58 -5.83 -1.44
N GLN A 79 7.55 -5.85 -0.64
CA GLN A 79 7.24 -7.03 0.17
C GLN A 79 6.06 -7.76 -0.44
N LEU A 80 6.32 -8.87 -1.07
CA LEU A 80 5.25 -9.65 -1.67
C LEU A 80 4.56 -10.48 -0.60
N ILE A 81 3.32 -10.13 -0.32
CA ILE A 81 2.55 -10.78 0.71
C ILE A 81 1.46 -11.65 0.10
N GLN A 82 1.06 -12.70 0.81
CA GLN A 82 0.08 -13.63 0.29
C GLN A 82 -1.31 -13.34 0.83
N THR A 83 -2.18 -12.86 -0.05
CA THR A 83 -3.56 -12.62 0.30
C THR A 83 -4.40 -13.81 -0.15
N PRO A 84 -5.65 -13.94 0.34
CA PRO A 84 -6.55 -15.01 -0.08
C PRO A 84 -6.98 -14.87 -1.55
N TYR A 85 -6.53 -13.81 -2.20
CA TYR A 85 -6.87 -13.58 -3.60
C TYR A 85 -5.61 -13.50 -4.45
N GLY A 86 -4.51 -13.97 -3.88
CA GLY A 86 -3.25 -13.99 -4.61
C GLY A 86 -2.19 -13.13 -3.94
N SER A 87 -0.93 -13.42 -4.21
CA SER A 87 0.16 -12.63 -3.66
C SER A 87 0.14 -11.21 -4.21
N ALA A 88 0.23 -10.24 -3.32
CA ALA A 88 0.16 -8.83 -3.68
C ALA A 88 1.40 -8.10 -3.17
N TRP A 89 1.80 -7.04 -3.87
CA TRP A 89 2.99 -6.29 -3.51
C TRP A 89 2.67 -5.22 -2.46
N MET A 90 3.37 -5.29 -1.34
CA MET A 90 3.27 -4.30 -0.29
C MET A 90 4.53 -3.44 -0.27
N TYR A 91 4.39 -2.12 -0.38
CA TYR A 91 5.54 -1.23 -0.37
C TYR A 91 5.85 -0.75 1.04
N VAL A 92 7.01 -1.13 1.54
CA VAL A 92 7.48 -0.66 2.83
C VAL A 92 8.36 0.57 2.65
N TYR A 93 8.03 1.64 3.36
CA TYR A 93 8.77 2.88 3.25
C TYR A 93 10.08 2.79 3.97
N GLN A 94 11.11 3.12 3.24
CA GLN A 94 12.45 3.10 3.73
C GLN A 94 12.78 4.45 4.34
N ARG A 95 14.07 4.74 4.52
CA ARG A 95 14.52 6.05 5.01
C ARG A 95 14.16 6.23 6.49
N PRO A 96 14.70 7.27 7.15
CA PRO A 96 14.28 7.65 8.50
C PRO A 96 12.80 8.03 8.54
N VAL A 97 12.09 7.52 9.53
CA VAL A 97 10.66 7.75 9.66
C VAL A 97 10.36 8.81 10.71
N ASP A 98 11.40 9.49 11.18
CA ASP A 98 11.27 10.54 12.19
C ASP A 98 10.38 11.68 11.69
N GLY A 99 9.37 12.02 12.46
CA GLY A 99 8.52 13.13 12.12
C GLY A 99 7.20 12.70 11.52
N LEU A 100 7.09 11.44 11.16
CA LEU A 100 5.87 10.92 10.54
C LEU A 100 4.88 10.51 11.61
N LYS A 101 3.61 10.43 11.23
CA LYS A 101 2.57 9.98 12.15
C LYS A 101 2.45 8.47 12.07
N LEU A 102 2.68 7.80 13.19
CA LEU A 102 2.64 6.35 13.22
C LEU A 102 1.30 5.84 13.72
N ILE A 103 0.63 5.05 12.90
CA ILE A 103 -0.63 4.46 13.25
C ILE A 103 -0.36 3.01 13.63
N GLU A 104 -0.19 2.78 14.91
CA GLU A 104 0.16 1.46 15.44
C GLU A 104 -0.96 0.47 15.21
N SER A 105 -2.16 0.99 15.00
CA SER A 105 -3.33 0.14 14.82
C SER A 105 -3.32 -0.54 13.46
N GLY A 106 -2.98 0.22 12.42
CA GLY A 106 -2.95 -0.32 11.07
C GLY A 106 -4.12 0.16 10.24
N ASP A 107 -4.85 1.13 10.76
CA ASP A 107 -5.98 1.70 10.03
C ASP A 107 -5.68 3.14 9.64
N TRP A 108 -6.61 3.78 8.95
CA TRP A 108 -6.49 5.19 8.64
C TRP A 108 -7.52 5.97 9.43
N LEU A 109 -8.71 5.40 9.49
CA LEU A 109 -9.86 6.07 10.08
C LEU A 109 -10.47 5.21 11.18
N ASP A 110 -9.68 4.26 11.69
CA ASP A 110 -10.13 3.30 12.68
C ASP A 110 -11.34 2.53 12.17
N ARG A 111 -12.50 2.82 12.72
CA ARG A 111 -13.73 2.15 12.32
C ARG A 111 -14.76 3.21 11.97
N ASP A 112 -14.30 4.45 12.01
CA ASP A 112 -15.09 5.61 11.65
C ASP A 112 -14.76 6.02 10.24
N LYS A 113 -15.09 5.15 9.29
CA LYS A 113 -14.74 5.35 7.89
C LYS A 113 -15.70 6.30 7.21
N MET A 1 -1.52 -8.23 -12.51
CA MET A 1 -0.71 -8.05 -11.29
C MET A 1 -1.60 -7.62 -10.13
N ARG A 2 -1.10 -7.68 -8.91
CA ARG A 2 -1.88 -7.27 -7.76
C ARG A 2 -1.00 -6.54 -6.75
N ILE A 3 -1.56 -5.53 -6.11
CA ILE A 3 -0.81 -4.68 -5.21
C ILE A 3 -1.63 -4.40 -3.94
N PHE A 4 -0.95 -4.27 -2.81
CA PHE A 4 -1.63 -4.02 -1.55
C PHE A 4 -1.72 -2.52 -1.28
N VAL A 5 -2.94 -2.00 -1.30
CA VAL A 5 -3.18 -0.61 -0.97
C VAL A 5 -3.46 -0.48 0.51
N TYR A 6 -3.06 0.63 1.08
CA TYR A 6 -3.19 0.85 2.51
C TYR A 6 -3.79 2.23 2.76
N GLY A 7 -5.04 2.37 2.38
CA GLY A 7 -5.67 3.67 2.42
C GLY A 7 -5.24 4.49 1.22
N SER A 8 -5.46 5.81 1.29
CA SER A 8 -5.14 6.72 0.19
C SER A 8 -5.73 6.25 -1.15
N LEU A 9 -6.78 5.42 -1.08
CA LEU A 9 -7.48 4.93 -2.26
C LEU A 9 -8.27 6.06 -2.91
N ARG A 10 -8.08 7.25 -2.37
CA ARG A 10 -8.69 8.46 -2.90
C ARG A 10 -8.17 8.74 -4.31
N HIS A 11 -6.85 8.55 -4.48
CA HIS A 11 -6.21 8.81 -5.76
C HIS A 11 -6.28 7.56 -6.65
N LYS A 12 -7.45 7.29 -7.18
CA LYS A 12 -7.66 6.15 -8.05
C LYS A 12 -7.31 6.53 -9.49
N GLN A 13 -6.02 6.75 -9.71
CA GLN A 13 -5.51 7.19 -11.00
C GLN A 13 -3.98 7.17 -10.95
N GLY A 14 -3.35 7.79 -11.92
CA GLY A 14 -1.90 7.81 -12.01
C GLY A 14 -1.47 8.25 -13.39
N ASN A 15 -1.86 7.46 -14.38
CA ASN A 15 -1.72 7.84 -15.78
C ASN A 15 -3.01 7.48 -16.50
N SER A 16 -3.24 6.19 -16.65
CA SER A 16 -4.43 5.68 -17.31
C SER A 16 -4.61 4.19 -17.00
N HIS A 17 -3.51 3.47 -17.05
CA HIS A 17 -3.47 2.02 -16.81
C HIS A 17 -4.00 1.66 -15.43
N TRP A 18 -4.04 2.63 -14.53
CA TRP A 18 -4.53 2.36 -13.18
C TRP A 18 -6.05 2.32 -13.17
N MET A 19 -6.69 3.47 -13.45
CA MET A 19 -8.14 3.59 -13.32
C MET A 19 -8.89 2.69 -14.30
N THR A 20 -8.29 2.45 -15.45
CA THR A 20 -8.94 1.66 -16.50
C THR A 20 -8.79 0.16 -16.25
N ASN A 21 -7.71 -0.22 -15.58
CA ASN A 21 -7.35 -1.62 -15.46
C ASN A 21 -7.42 -2.08 -14.00
N ALA A 22 -8.10 -1.30 -13.17
CA ALA A 22 -8.18 -1.61 -11.74
C ALA A 22 -9.39 -2.46 -11.40
N GLN A 23 -9.13 -3.61 -10.82
CA GLN A 23 -10.19 -4.46 -10.29
C GLN A 23 -10.05 -4.57 -8.78
N LEU A 24 -11.14 -4.32 -8.08
CA LEU A 24 -11.14 -4.42 -6.62
C LEU A 24 -11.24 -5.88 -6.19
N LEU A 25 -10.12 -6.43 -5.76
CA LEU A 25 -10.08 -7.80 -5.28
C LEU A 25 -10.82 -7.91 -3.96
N GLY A 26 -10.55 -6.97 -3.07
CA GLY A 26 -11.28 -6.92 -1.82
C GLY A 26 -10.39 -6.47 -0.68
N ASP A 27 -11.00 -6.15 0.46
CA ASP A 27 -10.23 -5.75 1.63
C ASP A 27 -9.45 -6.93 2.16
N PHE A 28 -8.34 -6.63 2.79
CA PHE A 28 -7.53 -7.64 3.43
C PHE A 28 -6.68 -6.99 4.52
N SER A 29 -7.25 -6.88 5.70
CA SER A 29 -6.55 -6.32 6.84
C SER A 29 -5.58 -7.35 7.42
N ILE A 30 -4.33 -6.93 7.61
CA ILE A 30 -3.30 -7.85 8.06
C ILE A 30 -2.79 -7.47 9.44
N ASP A 31 -2.67 -8.46 10.28
CA ASP A 31 -2.24 -8.26 11.66
C ASP A 31 -0.72 -8.19 11.75
N ASN A 32 -0.24 -7.55 12.82
CA ASN A 32 1.19 -7.45 13.10
C ASN A 32 1.92 -6.59 12.06
N TYR A 33 1.24 -5.57 11.56
CA TYR A 33 1.88 -4.57 10.69
C TYR A 33 1.53 -3.17 11.17
N GLN A 34 2.17 -2.17 10.59
CA GLN A 34 1.97 -0.78 10.97
C GLN A 34 1.95 0.12 9.74
N LEU A 35 1.33 1.29 9.87
CA LEU A 35 1.18 2.22 8.75
C LEU A 35 1.77 3.59 9.10
N TYR A 36 2.63 4.11 8.23
CA TYR A 36 3.26 5.40 8.45
C TYR A 36 2.45 6.54 7.83
N SER A 37 2.39 7.65 8.53
CA SER A 37 1.74 8.85 8.04
C SER A 37 2.77 9.96 7.82
N LEU A 38 3.02 10.28 6.57
CA LEU A 38 3.89 11.39 6.23
C LEU A 38 3.14 12.42 5.38
N GLY A 39 1.84 12.19 5.21
CA GLY A 39 1.00 13.13 4.49
C GLY A 39 0.98 12.89 3.00
N HIS A 40 2.15 12.86 2.39
CA HIS A 40 2.29 12.71 0.94
C HIS A 40 1.69 11.39 0.47
N TYR A 41 2.05 10.31 1.15
CA TYR A 41 1.51 8.98 0.89
C TYR A 41 1.88 8.04 2.03
N PRO A 42 1.11 6.96 2.25
CA PRO A 42 1.32 6.03 3.36
C PRO A 42 2.43 5.03 3.11
N GLY A 43 3.10 4.63 4.20
CA GLY A 43 4.09 3.58 4.15
C GLY A 43 3.71 2.45 5.08
N ALA A 44 4.25 1.27 4.88
CA ALA A 44 3.77 0.10 5.63
C ALA A 44 4.90 -0.84 5.98
N VAL A 45 4.83 -1.43 7.18
CA VAL A 45 5.89 -2.29 7.70
C VAL A 45 5.30 -3.27 8.71
N PRO A 46 6.06 -4.32 9.10
CA PRO A 46 5.65 -5.22 10.17
C PRO A 46 5.73 -4.56 11.55
N GLY A 47 4.98 -5.06 12.51
CA GLY A 47 4.99 -4.51 13.85
C GLY A 47 3.89 -5.08 14.71
N ASN A 48 3.00 -4.23 15.19
CA ASN A 48 1.87 -4.67 15.98
C ASN A 48 0.66 -3.80 15.71
N GLY A 49 -0.15 -4.24 14.76
CA GLY A 49 -1.38 -3.54 14.44
C GLY A 49 -2.12 -4.23 13.32
N THR A 50 -3.38 -3.89 13.13
CA THR A 50 -4.18 -4.47 12.07
C THR A 50 -4.30 -3.51 10.89
N VAL A 51 -3.52 -3.76 9.85
CA VAL A 51 -3.46 -2.85 8.73
C VAL A 51 -4.61 -3.11 7.78
N HIS A 52 -5.56 -2.20 7.80
CA HIS A 52 -6.68 -2.22 6.87
C HIS A 52 -6.16 -1.89 5.48
N GLY A 53 -6.11 -2.90 4.62
CA GLY A 53 -5.61 -2.70 3.29
C GLY A 53 -6.60 -3.09 2.22
N GLU A 54 -6.55 -2.38 1.11
CA GLU A 54 -7.41 -2.65 -0.02
C GLU A 54 -6.61 -3.36 -1.11
N VAL A 55 -6.85 -4.65 -1.30
CA VAL A 55 -6.11 -5.41 -2.30
C VAL A 55 -6.71 -5.17 -3.68
N TYR A 56 -5.91 -4.60 -4.56
CA TYR A 56 -6.36 -4.25 -5.90
C TYR A 56 -5.61 -5.05 -6.96
N ARG A 57 -6.30 -5.35 -8.05
CA ARG A 57 -5.70 -6.00 -9.19
C ARG A 57 -5.57 -5.02 -10.35
N ILE A 58 -4.40 -4.98 -10.95
CA ILE A 58 -4.16 -4.14 -12.11
C ILE A 58 -3.28 -4.87 -13.11
N ASP A 59 -3.22 -4.39 -14.33
CA ASP A 59 -2.35 -4.98 -15.35
C ASP A 59 -0.91 -5.12 -14.84
N ASN A 60 -0.25 -6.21 -15.22
CA ASN A 60 1.12 -6.49 -14.76
C ASN A 60 2.05 -5.31 -15.09
N ALA A 61 1.98 -4.84 -16.33
CA ALA A 61 2.87 -3.76 -16.79
C ALA A 61 2.55 -2.45 -16.08
N THR A 62 1.28 -2.26 -15.76
CA THR A 62 0.84 -1.14 -14.95
C THR A 62 1.58 -1.10 -13.62
N LEU A 63 1.84 -2.27 -13.06
CA LEU A 63 2.56 -2.38 -11.79
C LEU A 63 3.98 -1.91 -12.00
N ALA A 64 4.57 -2.33 -13.12
CA ALA A 64 5.90 -1.90 -13.51
C ALA A 64 5.93 -0.40 -13.80
N GLU A 65 4.77 0.15 -14.14
CA GLU A 65 4.65 1.59 -14.37
C GLU A 65 4.73 2.32 -13.03
N LEU A 66 3.96 1.84 -12.07
CA LEU A 66 3.96 2.41 -10.73
C LEU A 66 5.32 2.18 -10.06
N ASP A 67 5.93 1.03 -10.36
CA ASP A 67 7.26 0.69 -9.86
C ASP A 67 8.28 1.75 -10.28
N ALA A 68 8.34 1.99 -11.58
CA ALA A 68 9.27 2.96 -12.13
C ALA A 68 8.98 4.37 -11.61
N LEU A 69 7.74 4.61 -11.23
CA LEU A 69 7.33 5.92 -10.73
C LEU A 69 7.55 6.09 -9.22
N ARG A 70 6.98 5.20 -8.42
CA ARG A 70 6.91 5.39 -6.97
C ARG A 70 8.18 4.93 -6.27
N THR A 71 9.17 4.57 -7.06
CA THR A 71 10.43 3.96 -6.60
C THR A 71 10.39 2.44 -6.75
N ARG A 72 11.39 1.96 -7.46
CA ARG A 72 11.59 0.54 -7.69
C ARG A 72 12.43 -0.07 -6.59
N GLY A 73 13.25 0.77 -5.96
CA GLY A 73 14.15 0.30 -4.94
C GLY A 73 15.09 1.37 -4.46
N GLY A 74 14.54 2.54 -4.19
CA GLY A 74 15.37 3.65 -3.74
C GLY A 74 14.75 4.35 -2.54
N GLU A 75 13.51 4.79 -2.70
CA GLU A 75 12.77 5.43 -1.62
C GLU A 75 12.23 4.34 -0.70
N TYR A 76 11.79 3.24 -1.30
CA TYR A 76 11.22 2.11 -0.58
C TYR A 76 11.65 0.81 -1.23
N ALA A 77 11.36 -0.30 -0.57
CA ALA A 77 11.54 -1.61 -1.18
C ALA A 77 10.19 -2.32 -1.26
N ARG A 78 10.03 -3.20 -2.24
CA ARG A 78 8.79 -3.92 -2.41
C ARG A 78 8.78 -5.21 -1.61
N GLN A 79 7.76 -5.36 -0.77
CA GLN A 79 7.58 -6.59 0.00
C GLN A 79 6.44 -7.39 -0.61
N LEU A 80 6.72 -8.61 -1.03
CA LEU A 80 5.71 -9.44 -1.63
C LEU A 80 5.03 -10.30 -0.57
N ILE A 81 3.75 -10.05 -0.35
CA ILE A 81 2.98 -10.78 0.64
C ILE A 81 1.91 -11.62 -0.03
N GLN A 82 1.59 -12.75 0.57
CA GLN A 82 0.64 -13.67 0.00
C GLN A 82 -0.77 -13.36 0.47
N THR A 83 -1.61 -12.84 -0.42
CA THR A 83 -2.99 -12.60 -0.08
C THR A 83 -3.85 -13.73 -0.63
N PRO A 84 -5.09 -13.88 -0.15
CA PRO A 84 -6.02 -14.89 -0.68
C PRO A 84 -6.34 -14.66 -2.15
N TYR A 85 -6.03 -13.47 -2.64
CA TYR A 85 -6.29 -13.10 -4.02
C TYR A 85 -5.03 -13.27 -4.85
N GLY A 86 -3.95 -13.66 -4.19
CA GLY A 86 -2.66 -13.76 -4.85
C GLY A 86 -1.63 -12.89 -4.16
N SER A 87 -0.36 -13.18 -4.38
CA SER A 87 0.70 -12.41 -3.76
C SER A 87 0.69 -10.96 -4.27
N ALA A 88 0.55 -10.03 -3.34
CA ALA A 88 0.45 -8.61 -3.68
C ALA A 88 1.71 -7.88 -3.27
N TRP A 89 2.04 -6.84 -4.02
CA TRP A 89 3.23 -6.05 -3.75
C TRP A 89 2.94 -4.96 -2.71
N MET A 90 3.72 -4.96 -1.64
CA MET A 90 3.67 -3.89 -0.66
C MET A 90 4.92 -3.01 -0.79
N TYR A 91 4.93 -1.88 -0.10
CA TYR A 91 6.08 -0.99 -0.11
C TYR A 91 6.52 -0.67 1.32
N VAL A 92 7.74 -1.07 1.65
CA VAL A 92 8.25 -0.87 2.99
C VAL A 92 9.20 0.31 3.04
N TYR A 93 9.02 1.09 4.09
CA TYR A 93 9.85 2.22 4.38
C TYR A 93 11.32 1.80 4.36
N GLN A 94 12.11 2.41 3.49
CA GLN A 94 13.50 2.04 3.35
C GLN A 94 14.42 3.20 3.71
N ARG A 95 13.81 4.31 4.10
CA ARG A 95 14.56 5.50 4.50
C ARG A 95 14.01 6.03 5.82
N PRO A 96 14.88 6.61 6.68
CA PRO A 96 14.54 7.06 8.03
C PRO A 96 13.16 7.72 8.15
N VAL A 97 12.33 7.16 9.02
CA VAL A 97 11.00 7.70 9.30
C VAL A 97 10.98 8.41 10.65
N ASP A 98 12.17 8.68 11.19
CA ASP A 98 12.29 9.34 12.48
C ASP A 98 11.66 10.73 12.44
N GLY A 99 10.42 10.82 12.89
CA GLY A 99 9.72 12.09 12.88
C GLY A 99 8.34 11.98 12.27
N LEU A 100 8.05 10.83 11.66
CA LEU A 100 6.75 10.58 11.06
C LEU A 100 5.81 9.96 12.08
N LYS A 101 4.52 9.96 11.76
CA LYS A 101 3.54 9.36 12.64
C LYS A 101 3.33 7.89 12.29
N LEU A 102 3.34 7.06 13.31
CA LEU A 102 3.18 5.62 13.14
C LEU A 102 1.80 5.20 13.60
N ILE A 103 0.93 4.85 12.65
CA ILE A 103 -0.40 4.39 12.97
C ILE A 103 -0.34 2.92 13.31
N GLU A 104 -0.12 2.64 14.58
CA GLU A 104 -0.10 1.28 15.09
C GLU A 104 -1.49 0.67 15.00
N SER A 105 -2.47 1.51 14.68
CA SER A 105 -3.83 1.05 14.47
C SER A 105 -3.93 0.24 13.18
N GLY A 106 -3.03 0.56 12.25
CA GLY A 106 -2.98 -0.15 10.98
C GLY A 106 -3.94 0.41 9.95
N ASP A 107 -4.86 1.26 10.38
CA ASP A 107 -5.85 1.81 9.47
C ASP A 107 -5.47 3.22 9.05
N TRP A 108 -5.71 3.55 7.80
CA TRP A 108 -5.43 4.89 7.29
C TRP A 108 -6.41 5.89 7.89
N LEU A 109 -7.61 5.43 8.18
CA LEU A 109 -8.64 6.28 8.74
C LEU A 109 -8.44 6.42 10.24
N ASP A 110 -7.99 5.32 10.86
CA ASP A 110 -7.64 5.28 12.30
C ASP A 110 -8.83 5.64 13.19
N ARG A 111 -9.09 6.93 13.32
CA ARG A 111 -10.28 7.41 14.02
C ARG A 111 -11.53 6.93 13.29
N ASP A 112 -11.41 6.86 11.97
CA ASP A 112 -12.42 6.27 11.10
C ASP A 112 -13.79 6.92 11.24
N LYS A 113 -14.07 7.86 10.34
CA LYS A 113 -15.39 8.48 10.29
C LYS A 113 -16.18 7.94 9.10
N MET A 1 -0.46 -7.45 -12.90
CA MET A 1 0.07 -7.95 -11.61
C MET A 1 -0.80 -7.43 -10.48
N ARG A 2 -0.60 -7.93 -9.26
CA ARG A 2 -1.45 -7.57 -8.13
C ARG A 2 -0.65 -6.86 -7.05
N ILE A 3 -1.28 -5.90 -6.40
CA ILE A 3 -0.60 -5.07 -5.41
C ILE A 3 -1.50 -4.80 -4.20
N PHE A 4 -0.89 -4.61 -3.04
CA PHE A 4 -1.62 -4.34 -1.83
C PHE A 4 -1.65 -2.83 -1.57
N VAL A 5 -2.83 -2.26 -1.61
CA VAL A 5 -3.01 -0.83 -1.36
C VAL A 5 -3.54 -0.63 0.06
N TYR A 6 -3.35 0.57 0.61
CA TYR A 6 -3.81 0.86 1.96
C TYR A 6 -4.12 2.35 2.13
N GLY A 7 -5.38 2.64 2.44
CA GLY A 7 -5.79 4.01 2.68
C GLY A 7 -6.02 4.78 1.40
N SER A 8 -4.94 5.34 0.86
CA SER A 8 -5.02 6.06 -0.42
C SER A 8 -5.15 5.09 -1.59
N LEU A 9 -6.36 4.60 -1.82
CA LEU A 9 -6.62 3.66 -2.89
C LEU A 9 -6.68 4.36 -4.25
N ARG A 10 -6.92 5.68 -4.23
CA ARG A 10 -7.00 6.45 -5.46
C ARG A 10 -5.63 6.81 -5.99
N HIS A 11 -4.82 7.48 -5.14
CA HIS A 11 -3.54 8.05 -5.54
C HIS A 11 -3.64 8.71 -6.93
N LYS A 12 -4.27 9.89 -6.92
CA LYS A 12 -4.68 10.58 -8.14
C LYS A 12 -5.78 9.80 -8.83
N GLN A 13 -5.40 8.97 -9.80
CA GLN A 13 -6.34 8.20 -10.58
C GLN A 13 -7.22 9.11 -11.45
N GLY A 14 -7.53 8.65 -12.66
CA GLY A 14 -8.33 9.44 -13.57
C GLY A 14 -7.78 9.43 -14.98
N ASN A 15 -6.54 9.00 -15.10
CA ASN A 15 -5.89 8.89 -16.41
C ASN A 15 -4.90 7.74 -16.45
N SER A 16 -4.33 7.41 -15.29
CA SER A 16 -3.47 6.24 -15.18
C SER A 16 -4.28 4.97 -15.44
N HIS A 17 -3.58 3.87 -15.70
CA HIS A 17 -4.23 2.58 -15.97
C HIS A 17 -5.10 2.14 -14.80
N TRP A 18 -4.82 2.76 -13.64
CA TRP A 18 -5.50 2.44 -12.39
C TRP A 18 -7.02 2.64 -12.49
N MET A 19 -7.44 3.55 -13.36
CA MET A 19 -8.87 3.84 -13.50
C MET A 19 -9.57 2.81 -14.38
N THR A 20 -8.86 2.30 -15.37
CA THR A 20 -9.47 1.48 -16.39
C THR A 20 -9.44 -0.02 -16.05
N ASN A 21 -8.26 -0.53 -15.76
CA ASN A 21 -8.06 -1.98 -15.65
C ASN A 21 -8.08 -2.46 -14.21
N ALA A 22 -8.47 -1.58 -13.28
CA ALA A 22 -8.50 -1.93 -11.87
C ALA A 22 -9.56 -2.99 -11.58
N GLN A 23 -9.09 -4.13 -11.12
CA GLN A 23 -9.97 -5.19 -10.65
C GLN A 23 -9.88 -5.26 -9.14
N LEU A 24 -11.01 -5.06 -8.47
CA LEU A 24 -11.04 -5.10 -7.03
C LEU A 24 -11.14 -6.54 -6.56
N LEU A 25 -9.99 -7.09 -6.20
CA LEU A 25 -9.93 -8.45 -5.70
C LEU A 25 -10.67 -8.55 -4.38
N GLY A 26 -10.49 -7.55 -3.54
CA GLY A 26 -11.22 -7.47 -2.30
C GLY A 26 -10.43 -6.75 -1.23
N ASP A 27 -11.13 -6.14 -0.28
CA ASP A 27 -10.46 -5.50 0.84
C ASP A 27 -9.85 -6.57 1.72
N PHE A 28 -8.70 -6.28 2.27
CA PHE A 28 -7.96 -7.24 3.05
C PHE A 28 -7.05 -6.54 4.05
N SER A 29 -7.33 -6.70 5.32
CA SER A 29 -6.54 -6.09 6.37
C SER A 29 -5.59 -7.12 6.97
N ILE A 30 -4.32 -6.73 7.12
CA ILE A 30 -3.32 -7.66 7.59
C ILE A 30 -2.79 -7.25 8.96
N ASP A 31 -2.54 -8.24 9.80
CA ASP A 31 -2.11 -8.00 11.16
C ASP A 31 -0.60 -8.09 11.26
N ASN A 32 -0.04 -7.50 12.32
CA ASN A 32 1.40 -7.48 12.57
C ASN A 32 2.12 -6.51 11.63
N TYR A 33 1.42 -5.47 11.20
CA TYR A 33 2.04 -4.41 10.40
C TYR A 33 1.62 -3.04 10.92
N GLN A 34 2.54 -2.10 10.90
CA GLN A 34 2.26 -0.75 11.37
C GLN A 34 2.39 0.25 10.24
N LEU A 35 1.60 1.31 10.30
CA LEU A 35 1.53 2.28 9.22
C LEU A 35 2.31 3.55 9.59
N TYR A 36 3.03 4.09 8.64
CA TYR A 36 3.70 5.38 8.81
C TYR A 36 2.98 6.44 8.00
N SER A 37 2.74 7.58 8.60
CA SER A 37 2.12 8.69 7.91
C SER A 37 3.07 9.86 7.81
N LEU A 38 3.24 10.37 6.60
CA LEU A 38 4.00 11.59 6.38
C LEU A 38 3.22 12.50 5.44
N GLY A 39 1.93 12.20 5.32
CA GLY A 39 1.03 13.05 4.57
C GLY A 39 1.03 12.76 3.09
N HIS A 40 2.20 12.90 2.47
CA HIS A 40 2.30 12.76 1.03
C HIS A 40 2.55 11.32 0.63
N TYR A 41 2.66 10.44 1.63
CA TYR A 41 2.92 9.02 1.39
C TYR A 41 2.42 8.21 2.57
N PRO A 42 1.71 7.10 2.30
CA PRO A 42 1.41 6.09 3.31
C PRO A 42 2.45 4.96 3.29
N GLY A 43 3.10 4.74 4.42
CA GLY A 43 4.11 3.70 4.50
C GLY A 43 3.68 2.59 5.45
N ALA A 44 4.19 1.39 5.26
CA ALA A 44 3.81 0.26 6.12
C ALA A 44 4.98 -0.68 6.31
N VAL A 45 5.07 -1.29 7.50
CA VAL A 45 6.17 -2.19 7.83
C VAL A 45 5.70 -3.27 8.80
N PRO A 46 6.48 -4.35 8.96
CA PRO A 46 6.20 -5.38 9.97
C PRO A 46 6.28 -4.82 11.38
N GLY A 47 5.32 -5.19 12.21
CA GLY A 47 5.28 -4.72 13.58
C GLY A 47 4.10 -5.30 14.34
N ASN A 48 3.27 -4.43 14.88
CA ASN A 48 2.09 -4.84 15.62
C ASN A 48 0.93 -3.92 15.35
N GLY A 49 0.13 -4.28 14.37
CA GLY A 49 -1.05 -3.52 14.02
C GLY A 49 -1.77 -4.17 12.84
N THR A 50 -2.99 -3.73 12.58
CA THR A 50 -3.75 -4.28 11.47
C THR A 50 -3.99 -3.21 10.41
N VAL A 51 -3.37 -3.38 9.26
CA VAL A 51 -3.44 -2.39 8.20
C VAL A 51 -4.67 -2.60 7.34
N HIS A 52 -5.54 -1.58 7.32
CA HIS A 52 -6.75 -1.63 6.53
C HIS A 52 -6.41 -1.33 5.07
N GLY A 53 -6.28 -2.36 4.25
CA GLY A 53 -5.91 -2.16 2.87
C GLY A 53 -6.80 -2.89 1.90
N GLU A 54 -6.61 -2.61 0.62
CA GLU A 54 -7.36 -3.24 -0.46
C GLU A 54 -6.40 -3.98 -1.40
N VAL A 55 -6.74 -5.20 -1.75
CA VAL A 55 -5.95 -5.95 -2.71
C VAL A 55 -6.49 -5.71 -4.12
N TYR A 56 -5.65 -5.17 -4.99
CA TYR A 56 -6.08 -4.83 -6.34
C TYR A 56 -5.32 -5.61 -7.39
N ARG A 57 -5.93 -5.71 -8.56
CA ARG A 57 -5.32 -6.36 -9.71
C ARG A 57 -5.36 -5.41 -10.91
N ILE A 58 -4.20 -5.15 -11.49
CA ILE A 58 -4.09 -4.33 -12.68
C ILE A 58 -3.11 -4.97 -13.66
N ASP A 59 -2.80 -4.27 -14.75
CA ASP A 59 -1.80 -4.76 -15.72
C ASP A 59 -0.49 -5.10 -15.01
N ASN A 60 0.29 -6.00 -15.57
CA ASN A 60 1.62 -6.29 -15.02
C ASN A 60 2.49 -5.06 -15.18
N ALA A 61 2.35 -4.38 -16.33
CA ALA A 61 3.08 -3.16 -16.61
C ALA A 61 2.66 -2.03 -15.68
N THR A 62 1.36 -1.90 -15.46
CA THR A 62 0.81 -0.92 -14.53
C THR A 62 1.41 -1.09 -13.12
N LEU A 63 1.75 -2.32 -12.77
CA LEU A 63 2.39 -2.60 -11.50
C LEU A 63 3.77 -1.94 -11.49
N ALA A 64 4.52 -2.16 -12.58
CA ALA A 64 5.80 -1.52 -12.76
C ALA A 64 5.65 0.00 -12.93
N GLU A 65 4.45 0.43 -13.32
CA GLU A 65 4.15 1.84 -13.48
C GLU A 65 4.02 2.50 -12.11
N LEU A 66 3.25 1.87 -11.23
CA LEU A 66 3.10 2.35 -9.86
C LEU A 66 4.45 2.25 -9.14
N ASP A 67 5.17 1.19 -9.46
CA ASP A 67 6.53 0.98 -8.93
C ASP A 67 7.42 2.16 -9.27
N ALA A 68 7.49 2.47 -10.56
CA ALA A 68 8.36 3.52 -11.06
C ALA A 68 7.98 4.88 -10.50
N LEU A 69 6.70 5.04 -10.17
CA LEU A 69 6.21 6.28 -9.60
C LEU A 69 6.53 6.38 -8.11
N ARG A 70 6.24 5.31 -7.38
CA ARG A 70 6.37 5.35 -5.94
C ARG A 70 7.81 5.14 -5.47
N THR A 71 8.47 4.11 -5.98
CA THR A 71 9.79 3.76 -5.47
C THR A 71 10.88 4.11 -6.47
N ARG A 72 10.54 4.05 -7.76
CA ARG A 72 11.45 4.40 -8.86
C ARG A 72 12.80 3.66 -8.76
N GLY A 73 13.76 4.28 -8.08
CA GLY A 73 15.10 3.70 -8.00
C GLY A 73 15.28 2.83 -6.77
N GLY A 74 14.18 2.30 -6.27
CA GLY A 74 14.23 1.43 -5.10
C GLY A 74 14.38 2.23 -3.82
N GLU A 75 13.62 3.32 -3.71
CA GLU A 75 13.60 4.12 -2.49
C GLU A 75 12.94 3.32 -1.37
N TYR A 76 12.00 2.47 -1.75
CA TYR A 76 11.32 1.60 -0.81
C TYR A 76 11.56 0.15 -1.19
N ALA A 77 11.38 -0.76 -0.24
CA ALA A 77 11.59 -2.18 -0.49
C ALA A 77 10.27 -2.88 -0.72
N ARG A 78 10.15 -3.57 -1.85
CA ARG A 78 8.94 -4.32 -2.16
C ARG A 78 8.93 -5.64 -1.42
N GLN A 79 7.88 -5.84 -0.67
CA GLN A 79 7.65 -7.06 0.05
C GLN A 79 6.56 -7.85 -0.66
N LEU A 80 6.67 -9.15 -0.65
CA LEU A 80 5.63 -9.96 -1.28
C LEU A 80 4.85 -10.71 -0.23
N ILE A 81 3.59 -10.35 -0.09
CA ILE A 81 2.73 -10.94 0.91
C ILE A 81 1.68 -11.83 0.26
N GLN A 82 1.40 -12.96 0.89
CA GLN A 82 0.49 -13.94 0.31
C GLN A 82 -0.93 -13.69 0.76
N THR A 83 -1.71 -13.11 -0.13
CA THR A 83 -3.10 -12.82 0.18
C THR A 83 -3.99 -13.89 -0.43
N PRO A 84 -5.21 -14.06 0.08
CA PRO A 84 -6.17 -15.05 -0.45
C PRO A 84 -6.52 -14.76 -1.91
N TYR A 85 -6.26 -13.54 -2.35
CA TYR A 85 -6.59 -13.12 -3.69
C TYR A 85 -5.37 -13.18 -4.61
N GLY A 86 -4.23 -13.54 -4.04
CA GLY A 86 -3.00 -13.64 -4.81
C GLY A 86 -1.83 -13.01 -4.10
N SER A 87 -0.62 -13.38 -4.51
CA SER A 87 0.59 -12.78 -3.95
C SER A 87 0.69 -11.31 -4.33
N ALA A 88 0.46 -10.44 -3.37
CA ALA A 88 0.42 -9.00 -3.65
C ALA A 88 1.68 -8.31 -3.17
N TRP A 89 2.10 -7.29 -3.89
CA TRP A 89 3.28 -6.53 -3.51
C TRP A 89 2.94 -5.46 -2.47
N MET A 90 3.65 -5.50 -1.37
CA MET A 90 3.50 -4.50 -0.31
C MET A 90 4.78 -3.69 -0.17
N TYR A 91 4.71 -2.40 -0.44
CA TYR A 91 5.91 -1.57 -0.48
C TYR A 91 6.24 -0.97 0.89
N VAL A 92 7.28 -1.48 1.51
CA VAL A 92 7.72 -0.98 2.81
C VAL A 92 8.57 0.27 2.65
N TYR A 93 8.20 1.32 3.40
CA TYR A 93 8.95 2.56 3.38
C TYR A 93 10.35 2.29 3.93
N GLN A 94 11.36 2.55 3.12
CA GLN A 94 12.72 2.21 3.49
C GLN A 94 13.48 3.48 3.80
N ARG A 95 14.81 3.38 3.89
CA ARG A 95 15.66 4.54 4.18
C ARG A 95 15.41 5.01 5.62
N PRO A 96 16.05 6.09 6.09
CA PRO A 96 15.75 6.65 7.42
C PRO A 96 14.27 6.97 7.60
N VAL A 97 13.55 6.09 8.28
CA VAL A 97 12.13 6.29 8.54
C VAL A 97 11.92 6.96 9.88
N ASP A 98 12.99 7.05 10.66
CA ASP A 98 12.95 7.69 11.97
C ASP A 98 12.54 9.15 11.85
N GLY A 99 11.30 9.44 12.20
CA GLY A 99 10.80 10.79 12.07
C GLY A 99 9.40 10.83 11.50
N LEU A 100 8.96 9.69 10.97
CA LEU A 100 7.61 9.59 10.42
C LEU A 100 6.60 9.44 11.54
N LYS A 101 5.34 9.70 11.24
CA LYS A 101 4.28 9.63 12.24
C LYS A 101 3.64 8.25 12.23
N LEU A 102 3.92 7.50 13.28
CA LEU A 102 3.48 6.11 13.36
C LEU A 102 1.98 6.01 13.62
N ILE A 103 1.36 5.05 12.94
CA ILE A 103 -0.04 4.74 13.12
C ILE A 103 -0.18 3.25 13.46
N GLU A 104 -0.17 2.93 14.75
CA GLU A 104 -0.34 1.55 15.20
C GLU A 104 -1.74 1.04 14.86
N SER A 105 -2.62 1.98 14.54
CA SER A 105 -4.00 1.65 14.19
C SER A 105 -4.08 0.97 12.82
N GLY A 106 -3.04 1.16 12.01
CA GLY A 106 -3.03 0.58 10.68
C GLY A 106 -4.07 1.20 9.76
N ASP A 107 -4.41 2.46 10.01
CA ASP A 107 -5.42 3.15 9.23
C ASP A 107 -4.94 4.54 8.84
N TRP A 108 -5.19 4.91 7.59
CA TRP A 108 -4.68 6.16 7.04
C TRP A 108 -5.40 7.38 7.62
N LEU A 109 -6.65 7.20 8.00
CA LEU A 109 -7.50 8.32 8.38
C LEU A 109 -7.92 8.24 9.84
N ASP A 110 -7.30 7.34 10.58
CA ASP A 110 -7.62 7.14 11.99
C ASP A 110 -6.93 8.17 12.87
N ARG A 111 -5.61 8.19 12.81
CA ARG A 111 -4.82 9.05 13.67
C ARG A 111 -4.52 10.37 13.00
N ASP A 112 -5.20 10.63 11.90
CA ASP A 112 -5.06 11.89 11.20
C ASP A 112 -5.59 13.05 12.04
N LYS A 113 -6.80 12.87 12.59
CA LYS A 113 -7.39 13.82 13.53
C LYS A 113 -7.78 15.13 12.87
N MET A 1 -1.65 -7.85 -12.85
CA MET A 1 -0.75 -7.63 -11.70
C MET A 1 -1.57 -7.36 -10.44
N ARG A 2 -0.99 -7.60 -9.27
CA ARG A 2 -1.71 -7.38 -8.03
C ARG A 2 -0.84 -6.64 -7.02
N ILE A 3 -1.37 -5.53 -6.51
CA ILE A 3 -0.63 -4.68 -5.59
C ILE A 3 -1.46 -4.43 -4.33
N PHE A 4 -0.78 -4.32 -3.20
CA PHE A 4 -1.46 -4.02 -1.94
C PHE A 4 -1.61 -2.51 -1.77
N VAL A 5 -2.84 -2.04 -1.83
CA VAL A 5 -3.12 -0.64 -1.67
C VAL A 5 -3.41 -0.32 -0.21
N TYR A 6 -2.83 0.77 0.26
CA TYR A 6 -2.89 1.15 1.66
C TYR A 6 -3.95 2.22 1.91
N GLY A 7 -5.03 2.16 1.15
CA GLY A 7 -6.10 3.13 1.30
C GLY A 7 -5.70 4.53 0.89
N SER A 8 -6.45 5.53 1.37
CA SER A 8 -6.24 6.97 1.12
C SER A 8 -6.37 7.37 -0.36
N LEU A 9 -5.72 6.62 -1.25
CA LEU A 9 -5.64 6.95 -2.67
C LEU A 9 -7.00 7.01 -3.34
N ARG A 10 -8.02 6.46 -2.68
CA ARG A 10 -9.38 6.47 -3.22
C ARG A 10 -9.86 7.87 -3.61
N HIS A 11 -9.17 8.90 -3.10
CA HIS A 11 -9.47 10.29 -3.47
C HIS A 11 -9.43 10.46 -5.00
N LYS A 12 -8.35 9.98 -5.61
CA LYS A 12 -8.23 9.96 -7.06
C LYS A 12 -7.56 8.67 -7.49
N GLN A 13 -8.24 7.93 -8.35
CA GLN A 13 -7.79 6.60 -8.72
C GLN A 13 -8.01 6.36 -10.20
N GLY A 14 -9.24 6.53 -10.63
CA GLY A 14 -9.59 6.26 -12.00
C GLY A 14 -9.26 7.39 -12.93
N ASN A 15 -7.97 7.68 -13.06
CA ASN A 15 -7.49 8.71 -13.98
C ASN A 15 -6.27 8.21 -14.74
N SER A 16 -5.90 6.96 -14.49
CA SER A 16 -4.70 6.37 -15.05
C SER A 16 -4.74 4.86 -14.92
N HIS A 17 -3.63 4.20 -15.26
CA HIS A 17 -3.57 2.74 -15.25
C HIS A 17 -3.67 2.18 -13.83
N TRP A 18 -3.50 3.06 -12.85
CA TRP A 18 -3.56 2.66 -11.45
C TRP A 18 -4.93 2.06 -11.13
N MET A 19 -5.98 2.71 -11.62
CA MET A 19 -7.30 2.13 -11.57
C MET A 19 -7.72 1.72 -12.97
N THR A 20 -8.57 2.54 -13.60
CA THR A 20 -9.22 2.21 -14.88
C THR A 20 -9.76 0.78 -14.93
N ASN A 21 -8.88 -0.19 -15.15
CA ASN A 21 -9.27 -1.59 -15.30
C ASN A 21 -9.23 -2.31 -13.96
N ALA A 22 -8.70 -1.62 -12.95
CA ALA A 22 -8.48 -2.18 -11.62
C ALA A 22 -9.76 -2.73 -11.01
N GLN A 23 -9.61 -3.87 -10.37
CA GLN A 23 -10.71 -4.51 -9.66
C GLN A 23 -10.31 -4.75 -8.21
N LEU A 24 -11.07 -4.17 -7.28
CA LEU A 24 -10.87 -4.45 -5.88
C LEU A 24 -11.19 -5.90 -5.60
N LEU A 25 -10.15 -6.69 -5.38
CA LEU A 25 -10.29 -8.09 -5.10
C LEU A 25 -10.97 -8.28 -3.75
N GLY A 26 -10.62 -7.42 -2.82
CA GLY A 26 -11.24 -7.41 -1.52
C GLY A 26 -10.37 -6.72 -0.51
N ASP A 27 -10.97 -6.27 0.59
CA ASP A 27 -10.19 -5.66 1.65
C ASP A 27 -9.32 -6.73 2.29
N PHE A 28 -8.15 -6.35 2.72
CA PHE A 28 -7.24 -7.29 3.33
C PHE A 28 -6.53 -6.66 4.52
N SER A 29 -6.80 -7.20 5.70
CA SER A 29 -6.16 -6.75 6.91
C SER A 29 -5.03 -7.68 7.32
N ILE A 30 -3.88 -7.12 7.61
CA ILE A 30 -2.73 -7.90 8.03
C ILE A 30 -2.32 -7.52 9.44
N ASP A 31 -2.15 -8.53 10.28
CA ASP A 31 -1.82 -8.31 11.68
C ASP A 31 -0.32 -8.25 11.88
N ASN A 32 0.08 -7.51 12.92
CA ASN A 32 1.48 -7.29 13.25
C ASN A 32 2.15 -6.38 12.22
N TYR A 33 1.38 -5.43 11.69
CA TYR A 33 1.92 -4.40 10.80
C TYR A 33 1.36 -3.04 11.20
N GLN A 34 2.11 -1.98 10.89
CA GLN A 34 1.71 -0.63 11.26
C GLN A 34 1.75 0.28 10.04
N LEU A 35 0.99 1.37 10.07
CA LEU A 35 0.88 2.26 8.93
C LEU A 35 1.49 3.63 9.25
N TYR A 36 2.36 4.12 8.37
CA TYR A 36 2.97 5.44 8.55
C TYR A 36 2.28 6.49 7.68
N SER A 37 1.97 7.62 8.30
CA SER A 37 1.42 8.75 7.58
C SER A 37 2.53 9.75 7.29
N LEU A 38 3.02 9.75 6.06
CA LEU A 38 4.08 10.67 5.67
C LEU A 38 3.64 11.62 4.55
N GLY A 39 2.34 11.64 4.29
CA GLY A 39 1.81 12.55 3.29
C GLY A 39 1.99 12.03 1.86
N HIS A 40 3.21 11.65 1.52
CA HIS A 40 3.53 11.12 0.20
C HIS A 40 2.69 9.88 -0.06
N TYR A 41 2.58 9.03 0.95
CA TYR A 41 1.78 7.82 0.87
C TYR A 41 1.77 7.15 2.24
N PRO A 42 0.74 6.37 2.57
CA PRO A 42 0.74 5.53 3.77
C PRO A 42 1.72 4.37 3.65
N GLY A 43 2.78 4.40 4.44
CA GLY A 43 3.74 3.32 4.42
C GLY A 43 3.39 2.24 5.44
N ALA A 44 3.90 1.05 5.27
CA ALA A 44 3.53 -0.05 6.15
C ALA A 44 4.72 -0.95 6.46
N VAL A 45 4.81 -1.39 7.72
CA VAL A 45 5.92 -2.23 8.16
C VAL A 45 5.44 -3.22 9.20
N PRO A 46 6.22 -4.28 9.47
CA PRO A 46 5.94 -5.22 10.55
C PRO A 46 6.09 -4.56 11.92
N GLY A 47 5.27 -4.99 12.87
CA GLY A 47 5.31 -4.42 14.21
C GLY A 47 4.17 -4.91 15.06
N ASN A 48 3.25 -4.02 15.38
CA ASN A 48 2.12 -4.37 16.22
C ASN A 48 0.89 -3.55 15.83
N GLY A 49 0.08 -4.11 14.93
CA GLY A 49 -1.14 -3.46 14.50
C GLY A 49 -1.83 -4.29 13.45
N THR A 50 -2.99 -3.86 12.98
CA THR A 50 -3.68 -4.56 11.92
C THR A 50 -3.97 -3.63 10.76
N VAL A 51 -3.20 -3.76 9.69
CA VAL A 51 -3.34 -2.88 8.54
C VAL A 51 -4.44 -3.40 7.63
N HIS A 52 -5.60 -2.74 7.67
CA HIS A 52 -6.70 -3.13 6.82
C HIS A 52 -6.72 -2.28 5.57
N GLY A 53 -6.11 -2.82 4.52
CA GLY A 53 -6.01 -2.12 3.27
C GLY A 53 -6.77 -2.82 2.15
N GLU A 54 -6.33 -2.59 0.92
CA GLU A 54 -7.06 -3.07 -0.24
C GLU A 54 -6.16 -3.88 -1.17
N VAL A 55 -6.55 -5.10 -1.48
CA VAL A 55 -5.84 -5.88 -2.50
C VAL A 55 -6.52 -5.68 -3.86
N TYR A 56 -5.77 -5.14 -4.82
CA TYR A 56 -6.33 -4.86 -6.14
C TYR A 56 -5.65 -5.67 -7.23
N ARG A 57 -6.44 -6.00 -8.26
CA ARG A 57 -5.90 -6.60 -9.47
C ARG A 57 -5.93 -5.55 -10.58
N ILE A 58 -4.75 -5.16 -11.05
CA ILE A 58 -4.63 -4.15 -12.08
C ILE A 58 -3.76 -4.67 -13.22
N ASP A 59 -3.65 -3.89 -14.30
CA ASP A 59 -2.78 -4.26 -15.42
C ASP A 59 -1.36 -4.55 -14.92
N ASN A 60 -0.70 -5.52 -15.56
CA ASN A 60 0.69 -5.81 -15.25
C ASN A 60 1.55 -4.58 -15.51
N ALA A 61 1.17 -3.84 -16.55
CA ALA A 61 1.89 -2.65 -16.96
C ALA A 61 1.86 -1.57 -15.87
N THR A 62 0.78 -1.54 -15.09
CA THR A 62 0.67 -0.57 -14.00
C THR A 62 1.85 -0.68 -13.04
N LEU A 63 2.25 -1.92 -12.76
CA LEU A 63 3.38 -2.17 -11.87
C LEU A 63 4.65 -1.69 -12.55
N ALA A 64 4.80 -2.06 -13.81
CA ALA A 64 5.95 -1.65 -14.61
C ALA A 64 6.03 -0.13 -14.68
N GLU A 65 4.87 0.51 -14.65
CA GLU A 65 4.80 1.97 -14.67
C GLU A 65 5.17 2.54 -13.31
N LEU A 66 4.64 1.92 -12.26
CA LEU A 66 4.92 2.36 -10.89
C LEU A 66 6.41 2.19 -10.58
N ASP A 67 6.98 1.06 -11.00
CA ASP A 67 8.40 0.81 -10.79
C ASP A 67 9.25 1.87 -11.46
N ALA A 68 8.97 2.12 -12.73
CA ALA A 68 9.70 3.11 -13.51
C ALA A 68 9.65 4.49 -12.86
N LEU A 69 8.58 4.76 -12.14
CA LEU A 69 8.43 6.03 -11.44
C LEU A 69 9.06 5.99 -10.05
N ARG A 70 8.65 5.04 -9.23
CA ARG A 70 8.98 5.06 -7.81
C ARG A 70 10.34 4.43 -7.51
N THR A 71 10.63 3.29 -8.12
CA THR A 71 11.80 2.52 -7.73
C THR A 71 12.99 2.80 -8.64
N ARG A 72 12.74 3.53 -9.72
CA ARG A 72 13.81 4.01 -10.59
C ARG A 72 14.78 4.86 -9.78
N GLY A 73 14.23 5.57 -8.80
CA GLY A 73 15.04 6.41 -7.98
C GLY A 73 15.68 5.62 -6.85
N GLY A 74 14.86 4.88 -6.11
CA GLY A 74 15.38 4.05 -5.06
C GLY A 74 14.83 4.49 -3.74
N GLU A 75 13.51 4.56 -3.68
CA GLU A 75 12.83 5.14 -2.55
C GLU A 75 12.52 4.13 -1.45
N TYR A 76 11.85 3.04 -1.80
CA TYR A 76 11.30 2.15 -0.78
C TYR A 76 11.64 0.70 -1.08
N ALA A 77 11.38 -0.18 -0.14
CA ALA A 77 11.65 -1.60 -0.32
C ALA A 77 10.43 -2.32 -0.88
N ARG A 78 10.70 -3.38 -1.64
CA ARG A 78 9.65 -4.19 -2.24
C ARG A 78 9.47 -5.47 -1.45
N GLN A 79 8.23 -5.82 -1.20
CA GLN A 79 7.89 -7.04 -0.49
C GLN A 79 6.73 -7.73 -1.21
N LEU A 80 6.64 -9.05 -1.10
CA LEU A 80 5.54 -9.78 -1.70
C LEU A 80 4.74 -10.50 -0.64
N ILE A 81 3.47 -10.14 -0.50
CA ILE A 81 2.62 -10.74 0.51
C ILE A 81 1.57 -11.65 -0.12
N GLN A 82 1.20 -12.68 0.61
CA GLN A 82 0.24 -13.66 0.13
C GLN A 82 -1.15 -13.33 0.65
N THR A 83 -2.11 -13.24 -0.27
CA THR A 83 -3.46 -12.86 0.10
C THR A 83 -4.45 -13.94 -0.30
N PRO A 84 -5.65 -13.96 0.30
CA PRO A 84 -6.72 -14.89 -0.10
C PRO A 84 -7.22 -14.58 -1.52
N TYR A 85 -6.78 -13.45 -2.06
CA TYR A 85 -7.20 -13.00 -3.37
C TYR A 85 -6.06 -13.17 -4.38
N GLY A 86 -5.04 -13.91 -3.97
CA GLY A 86 -3.90 -14.14 -4.84
C GLY A 86 -2.59 -13.82 -4.14
N SER A 87 -2.01 -12.69 -4.47
CA SER A 87 -0.71 -12.30 -3.94
C SER A 87 -0.43 -10.87 -4.37
N ALA A 88 0.02 -10.05 -3.44
CA ALA A 88 0.12 -8.62 -3.71
C ALA A 88 1.51 -8.09 -3.37
N TRP A 89 1.97 -7.13 -4.16
CA TRP A 89 3.24 -6.49 -3.90
C TRP A 89 3.07 -5.39 -2.86
N MET A 90 3.90 -5.45 -1.83
CA MET A 90 3.86 -4.51 -0.73
C MET A 90 5.09 -3.61 -0.78
N TYR A 91 4.99 -2.41 -0.21
CA TYR A 91 6.10 -1.49 -0.13
C TYR A 91 6.38 -1.09 1.32
N VAL A 92 7.64 -1.19 1.71
CA VAL A 92 8.05 -0.82 3.05
C VAL A 92 8.85 0.46 3.02
N TYR A 93 8.49 1.34 3.94
CA TYR A 93 9.13 2.62 4.13
C TYR A 93 10.64 2.44 4.23
N GLN A 94 11.37 3.29 3.52
CA GLN A 94 12.82 3.18 3.50
C GLN A 94 13.44 4.57 3.66
N ARG A 95 12.76 5.38 4.43
CA ARG A 95 13.17 6.76 4.71
C ARG A 95 13.10 6.99 6.22
N PRO A 96 13.38 8.20 6.74
CA PRO A 96 13.28 8.47 8.18
C PRO A 96 11.84 8.61 8.66
N VAL A 97 11.51 7.97 9.78
CA VAL A 97 10.20 8.13 10.40
C VAL A 97 10.27 9.09 11.59
N ASP A 98 11.40 9.78 11.71
CA ASP A 98 11.64 10.71 12.82
C ASP A 98 10.67 11.88 12.83
N GLY A 99 9.86 11.97 11.82
CA GLY A 99 8.92 13.06 11.70
C GLY A 99 7.61 12.63 11.07
N LEU A 100 7.25 11.38 11.26
CA LEU A 100 6.03 10.85 10.68
C LEU A 100 5.03 10.49 11.76
N LYS A 101 3.77 10.29 11.39
CA LYS A 101 2.78 9.83 12.32
C LYS A 101 2.52 8.36 12.11
N LEU A 102 2.66 7.58 13.16
CA LEU A 102 2.39 6.17 13.11
C LEU A 102 0.90 5.92 13.32
N ILE A 103 0.37 4.93 12.63
CA ILE A 103 -0.96 4.45 12.89
C ILE A 103 -0.85 3.08 13.54
N GLU A 104 -0.89 3.11 14.87
CA GLU A 104 -0.73 1.93 15.74
C GLU A 104 -1.88 0.93 15.62
N SER A 105 -2.58 0.93 14.50
CA SER A 105 -3.76 0.08 14.33
C SER A 105 -4.12 -0.09 12.85
N GLY A 106 -3.16 0.25 11.97
CA GLY A 106 -3.26 -0.11 10.55
C GLY A 106 -4.54 0.31 9.84
N ASP A 107 -5.24 1.30 10.36
CA ASP A 107 -6.40 1.83 9.67
C ASP A 107 -5.99 3.09 8.93
N TRP A 108 -6.92 3.70 8.22
CA TRP A 108 -6.68 5.02 7.65
C TRP A 108 -7.71 6.00 8.17
N LEU A 109 -8.94 5.53 8.29
CA LEU A 109 -10.07 6.38 8.66
C LEU A 109 -11.05 5.64 9.57
N ASP A 110 -10.64 5.31 10.79
CA ASP A 110 -11.56 4.68 11.73
C ASP A 110 -11.41 5.27 13.13
N ARG A 111 -12.19 6.30 13.42
CA ARG A 111 -12.25 6.85 14.77
C ARG A 111 -13.56 7.58 15.03
N ASP A 112 -13.90 8.56 14.19
CA ASP A 112 -15.08 9.35 14.38
C ASP A 112 -15.94 9.34 13.12
N LYS A 113 -16.24 10.54 12.62
CA LYS A 113 -17.05 10.76 11.43
C LYS A 113 -18.44 10.14 11.55
N MET A 1 -1.77 -8.06 -12.82
CA MET A 1 -0.86 -7.93 -11.66
C MET A 1 -1.67 -7.61 -10.41
N ARG A 2 -1.08 -7.82 -9.23
CA ARG A 2 -1.80 -7.58 -7.98
C ARG A 2 -0.97 -6.70 -7.06
N ILE A 3 -1.62 -5.79 -6.36
CA ILE A 3 -0.94 -4.88 -5.46
C ILE A 3 -1.77 -4.68 -4.20
N PHE A 4 -1.09 -4.47 -3.08
CA PHE A 4 -1.74 -4.29 -1.79
C PHE A 4 -1.88 -2.81 -1.49
N VAL A 5 -3.10 -2.30 -1.49
CA VAL A 5 -3.36 -0.91 -1.21
C VAL A 5 -3.74 -0.71 0.24
N TYR A 6 -2.99 0.14 0.92
CA TYR A 6 -3.23 0.43 2.33
C TYR A 6 -4.36 1.46 2.50
N GLY A 7 -5.57 1.02 2.22
CA GLY A 7 -6.74 1.83 2.47
C GLY A 7 -6.92 2.96 1.47
N SER A 8 -6.34 4.11 1.78
CA SER A 8 -6.39 5.27 0.91
C SER A 8 -5.95 4.89 -0.51
N LEU A 9 -6.88 4.95 -1.45
CA LEU A 9 -6.61 4.56 -2.82
C LEU A 9 -6.19 5.77 -3.65
N ARG A 10 -6.58 6.95 -3.18
CA ARG A 10 -6.38 8.22 -3.91
C ARG A 10 -4.95 8.34 -4.46
N HIS A 11 -4.03 8.77 -3.59
CA HIS A 11 -2.61 8.91 -3.94
C HIS A 11 -2.41 9.88 -5.09
N LYS A 12 -2.23 9.33 -6.29
CA LYS A 12 -1.94 10.12 -7.48
C LYS A 12 -2.62 9.50 -8.69
N GLN A 13 -3.63 10.18 -9.23
CA GLN A 13 -4.26 9.74 -10.45
C GLN A 13 -4.57 10.93 -11.33
N GLY A 14 -3.83 11.03 -12.43
CA GLY A 14 -4.09 12.06 -13.41
C GLY A 14 -3.78 11.58 -14.81
N ASN A 15 -2.95 10.54 -14.90
CA ASN A 15 -2.51 10.02 -16.20
C ASN A 15 -2.02 8.58 -16.08
N SER A 16 -1.55 8.20 -14.91
CA SER A 16 -1.05 6.85 -14.68
C SER A 16 -2.16 5.83 -14.72
N HIS A 17 -1.78 4.57 -14.91
CA HIS A 17 -2.71 3.44 -14.98
C HIS A 17 -3.29 3.12 -13.60
N TRP A 18 -3.03 4.00 -12.64
CA TRP A 18 -3.38 3.77 -11.25
C TRP A 18 -4.86 3.40 -11.09
N MET A 19 -5.74 4.30 -11.49
CA MET A 19 -7.17 4.03 -11.38
C MET A 19 -7.80 4.12 -12.75
N THR A 20 -7.90 2.97 -13.40
CA THR A 20 -8.51 2.87 -14.71
C THR A 20 -9.19 1.52 -14.87
N ASN A 21 -8.49 0.47 -14.46
CA ASN A 21 -9.04 -0.87 -14.51
C ASN A 21 -8.86 -1.57 -13.16
N ALA A 22 -8.77 -0.76 -12.11
CA ALA A 22 -8.58 -1.27 -10.76
C ALA A 22 -9.77 -2.12 -10.33
N GLN A 23 -9.56 -3.43 -10.32
CA GLN A 23 -10.62 -4.37 -9.99
C GLN A 23 -10.53 -4.75 -8.54
N LEU A 24 -11.59 -4.50 -7.80
CA LEU A 24 -11.64 -4.82 -6.39
C LEU A 24 -11.75 -6.33 -6.18
N LEU A 25 -10.66 -6.95 -5.76
CA LEU A 25 -10.66 -8.36 -5.46
C LEU A 25 -11.22 -8.58 -4.07
N GLY A 26 -10.79 -7.76 -3.14
CA GLY A 26 -11.32 -7.79 -1.78
C GLY A 26 -10.36 -7.18 -0.80
N ASP A 27 -10.86 -6.74 0.33
CA ASP A 27 -9.98 -6.16 1.33
C ASP A 27 -9.25 -7.24 2.08
N PHE A 28 -8.15 -6.84 2.67
CA PHE A 28 -7.31 -7.74 3.42
C PHE A 28 -6.57 -6.98 4.52
N SER A 29 -7.19 -6.91 5.69
CA SER A 29 -6.56 -6.30 6.85
C SER A 29 -5.59 -7.29 7.50
N ILE A 30 -4.36 -6.84 7.73
CA ILE A 30 -3.32 -7.73 8.21
C ILE A 30 -2.73 -7.24 9.53
N ASP A 31 -2.44 -8.17 10.41
CA ASP A 31 -1.88 -7.86 11.71
C ASP A 31 -0.36 -7.87 11.65
N ASN A 32 0.26 -7.31 12.69
CA ASN A 32 1.72 -7.27 12.82
C ASN A 32 2.36 -6.34 11.80
N TYR A 33 1.62 -5.31 11.39
CA TYR A 33 2.16 -4.26 10.53
C TYR A 33 1.71 -2.90 11.01
N GLN A 34 2.45 -1.87 10.65
CA GLN A 34 2.11 -0.51 11.04
C GLN A 34 2.04 0.37 9.81
N LEU A 35 1.24 1.43 9.87
CA LEU A 35 1.02 2.29 8.71
C LEU A 35 1.48 3.71 8.99
N TYR A 36 2.34 4.24 8.13
CA TYR A 36 2.83 5.61 8.29
C TYR A 36 2.03 6.56 7.41
N SER A 37 1.69 7.71 7.97
CA SER A 37 1.04 8.76 7.21
C SER A 37 2.01 9.92 7.01
N LEU A 38 2.57 9.99 5.81
CA LEU A 38 3.54 11.02 5.47
C LEU A 38 2.96 12.06 4.54
N GLY A 39 1.67 11.89 4.24
CA GLY A 39 1.03 12.77 3.28
C GLY A 39 1.25 12.29 1.87
N HIS A 40 0.33 12.62 0.97
CA HIS A 40 0.36 12.16 -0.44
C HIS A 40 0.05 10.67 -0.54
N TYR A 41 0.83 9.88 0.21
CA TYR A 41 0.76 8.44 0.16
C TYR A 41 1.32 7.84 1.45
N PRO A 42 0.58 6.94 2.09
CA PRO A 42 1.05 6.23 3.27
C PRO A 42 2.11 5.17 2.95
N GLY A 43 2.61 4.52 3.99
CA GLY A 43 3.56 3.45 3.85
C GLY A 43 3.43 2.47 4.99
N ALA A 44 3.94 1.25 4.83
CA ALA A 44 3.73 0.23 5.85
C ALA A 44 5.03 -0.47 6.21
N VAL A 45 5.07 -1.07 7.40
CA VAL A 45 6.22 -1.84 7.87
C VAL A 45 5.76 -2.93 8.82
N PRO A 46 6.61 -3.93 9.10
CA PRO A 46 6.31 -4.97 10.10
C PRO A 46 6.28 -4.39 11.52
N GLY A 47 5.68 -5.12 12.44
CA GLY A 47 5.59 -4.69 13.81
C GLY A 47 4.48 -5.40 14.55
N ASN A 48 3.61 -4.63 15.20
CA ASN A 48 2.46 -5.20 15.86
C ASN A 48 1.29 -4.22 15.78
N GLY A 49 0.51 -4.35 14.72
CA GLY A 49 -0.63 -3.50 14.51
C GLY A 49 -1.47 -4.02 13.36
N THR A 50 -2.68 -3.48 13.21
CA THR A 50 -3.58 -3.96 12.17
C THR A 50 -3.62 -2.99 11.00
N VAL A 51 -3.11 -3.40 9.85
CA VAL A 51 -3.14 -2.56 8.68
C VAL A 51 -4.31 -2.97 7.80
N HIS A 52 -5.27 -2.07 7.65
CA HIS A 52 -6.43 -2.32 6.82
C HIS A 52 -6.05 -2.10 5.37
N GLY A 53 -5.90 -3.19 4.64
CA GLY A 53 -5.49 -3.08 3.25
C GLY A 53 -6.53 -3.61 2.30
N GLU A 54 -6.35 -3.33 1.03
CA GLU A 54 -7.24 -3.80 -0.01
C GLU A 54 -6.42 -4.42 -1.13
N VAL A 55 -6.78 -5.63 -1.52
CA VAL A 55 -6.10 -6.29 -2.62
C VAL A 55 -6.81 -6.01 -3.94
N TYR A 56 -6.09 -5.34 -4.85
CA TYR A 56 -6.65 -4.95 -6.13
C TYR A 56 -5.94 -5.62 -7.29
N ARG A 57 -6.65 -5.76 -8.40
CA ARG A 57 -6.06 -6.28 -9.62
C ARG A 57 -5.93 -5.15 -10.64
N ILE A 58 -4.74 -5.03 -11.22
CA ILE A 58 -4.47 -4.03 -12.24
C ILE A 58 -3.53 -4.59 -13.29
N ASP A 59 -3.32 -3.85 -14.37
CA ASP A 59 -2.38 -4.26 -15.42
C ASP A 59 -1.03 -4.60 -14.82
N ASN A 60 -0.38 -5.64 -15.36
CA ASN A 60 0.97 -5.99 -14.94
C ASN A 60 1.88 -4.76 -15.11
N ALA A 61 1.65 -4.05 -16.21
CA ALA A 61 2.42 -2.86 -16.54
C ALA A 61 2.23 -1.76 -15.50
N THR A 62 1.01 -1.63 -14.97
CA THR A 62 0.70 -0.63 -13.95
C THR A 62 1.64 -0.77 -12.75
N LEU A 63 1.94 -2.00 -12.40
CA LEU A 63 2.81 -2.31 -11.27
C LEU A 63 4.21 -1.82 -11.59
N ALA A 64 4.72 -2.21 -12.75
CA ALA A 64 6.03 -1.79 -13.20
C ALA A 64 6.07 -0.28 -13.39
N GLU A 65 4.92 0.30 -13.72
CA GLU A 65 4.79 1.74 -13.91
C GLU A 65 4.99 2.47 -12.59
N LEU A 66 4.25 2.03 -11.58
CA LEU A 66 4.35 2.62 -10.24
C LEU A 66 5.76 2.45 -9.71
N ASP A 67 6.36 1.29 -9.97
CA ASP A 67 7.71 1.01 -9.52
C ASP A 67 8.73 1.93 -10.17
N ALA A 68 8.61 2.13 -11.47
CA ALA A 68 9.55 2.99 -12.20
C ALA A 68 9.43 4.44 -11.73
N LEU A 69 8.25 4.81 -11.27
CA LEU A 69 8.00 6.16 -10.81
C LEU A 69 8.40 6.35 -9.35
N ARG A 70 7.87 5.51 -8.48
CA ARG A 70 7.97 5.74 -7.04
C ARG A 70 9.27 5.20 -6.45
N THR A 71 9.70 4.02 -6.87
CA THR A 71 10.84 3.37 -6.26
C THR A 71 12.08 3.41 -7.15
N ARG A 72 12.01 2.68 -8.27
CA ARG A 72 13.16 2.42 -9.14
C ARG A 72 14.25 1.67 -8.38
N GLY A 73 14.88 2.35 -7.43
CA GLY A 73 15.95 1.74 -6.66
C GLY A 73 15.46 1.04 -5.42
N GLY A 74 15.49 1.73 -4.29
CA GLY A 74 15.14 1.10 -3.02
C GLY A 74 14.56 2.06 -2.02
N GLU A 75 13.68 2.95 -2.47
CA GLU A 75 12.95 3.84 -1.56
C GLU A 75 12.13 2.98 -0.59
N TYR A 76 11.55 1.91 -1.14
CA TYR A 76 10.85 0.91 -0.36
C TYR A 76 11.29 -0.47 -0.84
N ALA A 77 11.07 -1.47 -0.02
CA ALA A 77 11.26 -2.85 -0.46
C ALA A 77 9.98 -3.38 -1.06
N ARG A 78 10.10 -4.07 -2.17
CA ARG A 78 8.96 -4.71 -2.78
C ARG A 78 8.73 -6.05 -2.10
N GLN A 79 7.74 -6.08 -1.23
CA GLN A 79 7.47 -7.24 -0.43
C GLN A 79 6.27 -7.98 -0.98
N LEU A 80 6.53 -9.03 -1.72
CA LEU A 80 5.47 -9.80 -2.31
C LEU A 80 4.80 -10.68 -1.26
N ILE A 81 3.61 -10.29 -0.86
CA ILE A 81 2.89 -11.00 0.17
C ILE A 81 1.83 -11.89 -0.43
N GLN A 82 1.70 -13.08 0.11
CA GLN A 82 0.75 -14.05 -0.39
C GLN A 82 -0.62 -13.84 0.22
N THR A 83 -1.54 -13.31 -0.57
CA THR A 83 -2.90 -13.09 -0.11
C THR A 83 -3.80 -14.18 -0.71
N PRO A 84 -4.99 -14.39 -0.14
CA PRO A 84 -5.97 -15.35 -0.69
C PRO A 84 -6.40 -14.98 -2.11
N TYR A 85 -6.23 -13.70 -2.45
CA TYR A 85 -6.65 -13.19 -3.75
C TYR A 85 -5.49 -13.31 -4.74
N GLY A 86 -4.35 -13.75 -4.24
CA GLY A 86 -3.16 -13.86 -5.05
C GLY A 86 -1.99 -13.10 -4.45
N SER A 87 -0.80 -13.34 -4.95
CA SER A 87 0.38 -12.65 -4.47
C SER A 87 0.32 -11.16 -4.82
N ALA A 88 0.39 -10.33 -3.79
CA ALA A 88 0.30 -8.88 -3.98
C ALA A 88 1.59 -8.20 -3.54
N TRP A 89 1.94 -7.12 -4.21
CA TRP A 89 3.16 -6.38 -3.88
C TRP A 89 2.91 -5.36 -2.77
N MET A 90 3.64 -5.51 -1.68
CA MET A 90 3.59 -4.56 -0.57
C MET A 90 4.85 -3.69 -0.58
N TYR A 91 4.75 -2.48 -0.07
CA TYR A 91 5.91 -1.58 -0.02
C TYR A 91 6.22 -1.19 1.42
N VAL A 92 7.43 -1.50 1.87
CA VAL A 92 7.87 -1.12 3.21
C VAL A 92 8.90 -0.01 3.13
N TYR A 93 8.62 1.10 3.82
CA TYR A 93 9.51 2.26 3.84
C TYR A 93 10.83 1.86 4.46
N GLN A 94 11.88 1.98 3.68
CA GLN A 94 13.17 1.45 4.05
C GLN A 94 13.99 2.45 4.86
N ARG A 95 13.81 3.72 4.54
CA ARG A 95 14.61 4.76 5.14
C ARG A 95 14.05 5.18 6.51
N PRO A 96 14.87 5.84 7.34
CA PRO A 96 14.45 6.30 8.66
C PRO A 96 13.19 7.16 8.62
N VAL A 97 12.25 6.87 9.50
CA VAL A 97 11.01 7.62 9.59
C VAL A 97 11.25 8.94 10.32
N ASP A 98 11.96 9.79 9.61
CA ASP A 98 12.39 11.11 10.08
C ASP A 98 11.29 11.85 10.83
N GLY A 99 10.31 12.27 10.09
CA GLY A 99 9.20 13.02 10.66
C GLY A 99 7.87 12.57 10.11
N LEU A 100 7.55 11.30 10.32
CA LEU A 100 6.30 10.75 9.81
C LEU A 100 5.35 10.44 10.95
N LYS A 101 4.07 10.40 10.65
CA LYS A 101 3.06 10.09 11.65
C LYS A 101 2.66 8.62 11.55
N LEU A 102 2.94 7.87 12.61
CA LEU A 102 2.72 6.44 12.61
C LEU A 102 1.33 6.09 13.12
N ILE A 103 0.60 5.30 12.34
CA ILE A 103 -0.68 4.76 12.79
C ILE A 103 -0.47 3.38 13.36
N GLU A 104 -0.38 3.30 14.68
CA GLU A 104 -0.27 2.04 15.42
C GLU A 104 -1.52 1.17 15.32
N SER A 105 -2.29 1.36 14.25
CA SER A 105 -3.56 0.67 14.04
C SER A 105 -3.97 0.74 12.56
N GLY A 106 -2.98 1.06 11.70
CA GLY A 106 -3.16 1.02 10.25
C GLY A 106 -4.53 1.45 9.75
N ASP A 107 -5.00 2.59 10.21
CA ASP A 107 -6.33 3.07 9.84
C ASP A 107 -6.29 4.56 9.47
N TRP A 108 -6.91 4.89 8.35
CA TRP A 108 -6.94 6.25 7.84
C TRP A 108 -8.23 6.94 8.25
N LEU A 109 -9.12 6.16 8.84
CA LEU A 109 -10.45 6.62 9.20
C LEU A 109 -10.55 6.77 10.70
N ASP A 110 -9.39 6.83 11.36
CA ASP A 110 -9.33 6.98 12.81
C ASP A 110 -9.75 8.38 13.23
N ARG A 111 -11.02 8.64 13.03
CA ARG A 111 -11.65 9.88 13.41
C ARG A 111 -13.10 9.53 13.77
N ASP A 112 -14.02 9.93 12.90
CA ASP A 112 -15.34 9.33 12.81
C ASP A 112 -16.11 9.36 14.12
N LYS A 113 -15.86 10.39 14.92
CA LYS A 113 -16.53 10.56 16.21
C LYS A 113 -17.89 11.22 15.98
N MET A 1 -1.43 -7.30 -12.75
CA MET A 1 -0.64 -7.63 -11.55
C MET A 1 -1.44 -7.23 -10.31
N ARG A 2 -0.95 -7.57 -9.13
CA ARG A 2 -1.66 -7.27 -7.91
C ARG A 2 -0.86 -6.37 -6.99
N ILE A 3 -1.56 -5.52 -6.26
CA ILE A 3 -0.91 -4.63 -5.31
C ILE A 3 -1.76 -4.48 -4.06
N PHE A 4 -1.12 -4.45 -2.91
CA PHE A 4 -1.80 -4.26 -1.65
C PHE A 4 -1.92 -2.77 -1.36
N VAL A 5 -3.14 -2.28 -1.36
CA VAL A 5 -3.38 -0.87 -1.12
C VAL A 5 -3.61 -0.61 0.36
N TYR A 6 -2.96 0.41 0.88
CA TYR A 6 -3.05 0.77 2.28
C TYR A 6 -4.05 1.90 2.46
N GLY A 7 -3.63 3.12 2.21
CA GLY A 7 -4.56 4.23 2.25
C GLY A 7 -5.63 4.07 1.20
N SER A 8 -6.90 4.19 1.61
CA SER A 8 -8.03 3.94 0.72
C SER A 8 -7.88 4.59 -0.64
N LEU A 9 -7.68 3.76 -1.65
CA LEU A 9 -7.45 4.22 -3.01
C LEU A 9 -8.75 4.21 -3.79
N ARG A 10 -9.83 4.02 -3.04
CA ARG A 10 -11.18 3.93 -3.59
C ARG A 10 -11.65 5.25 -4.20
N HIS A 11 -10.74 6.21 -4.28
CA HIS A 11 -10.96 7.43 -5.05
C HIS A 11 -10.86 7.09 -6.54
N LYS A 12 -10.32 5.90 -6.82
CA LYS A 12 -10.25 5.33 -8.17
C LYS A 12 -9.19 6.05 -9.02
N GLN A 13 -8.43 6.92 -8.36
CA GLN A 13 -7.30 7.63 -8.96
C GLN A 13 -6.61 8.43 -7.87
N GLY A 14 -5.36 8.08 -7.58
CA GLY A 14 -4.61 8.74 -6.53
C GLY A 14 -3.47 9.57 -7.06
N ASN A 15 -2.80 9.05 -8.08
CA ASN A 15 -1.70 9.76 -8.72
C ASN A 15 -2.20 10.38 -10.01
N SER A 16 -2.79 9.53 -10.82
CA SER A 16 -3.37 9.92 -12.09
C SER A 16 -4.22 8.77 -12.59
N HIS A 17 -4.95 8.96 -13.68
CA HIS A 17 -5.82 7.90 -14.23
C HIS A 17 -4.98 6.79 -14.85
N TRP A 18 -3.66 6.86 -14.63
CA TRP A 18 -2.68 5.87 -15.04
C TRP A 18 -3.26 4.44 -15.03
N MET A 19 -4.01 4.11 -13.97
CA MET A 19 -4.71 2.82 -13.84
C MET A 19 -4.98 2.59 -12.38
N THR A 20 -6.03 3.19 -11.90
CA THR A 20 -6.33 3.14 -10.49
C THR A 20 -7.75 2.64 -10.27
N ASN A 21 -8.47 2.50 -11.36
CA ASN A 21 -9.84 2.05 -11.30
C ASN A 21 -9.87 0.62 -10.79
N ALA A 22 -8.83 -0.12 -11.19
CA ALA A 22 -8.54 -1.47 -10.70
C ALA A 22 -9.76 -2.38 -10.59
N GLN A 23 -9.60 -3.44 -9.82
CA GLN A 23 -10.68 -4.34 -9.48
C GLN A 23 -10.52 -4.73 -8.01
N LEU A 24 -11.49 -4.35 -7.19
CA LEU A 24 -11.44 -4.67 -5.77
C LEU A 24 -11.56 -6.17 -5.55
N LEU A 25 -10.44 -6.80 -5.24
CA LEU A 25 -10.41 -8.23 -4.99
C LEU A 25 -11.06 -8.52 -3.65
N GLY A 26 -10.72 -7.70 -2.66
CA GLY A 26 -11.31 -7.82 -1.35
C GLY A 26 -10.41 -7.20 -0.31
N ASP A 27 -10.99 -6.84 0.83
CA ASP A 27 -10.22 -6.26 1.91
C ASP A 27 -9.40 -7.35 2.59
N PHE A 28 -8.21 -7.00 3.00
CA PHE A 28 -7.31 -7.95 3.63
C PHE A 28 -6.54 -7.28 4.76
N SER A 29 -6.84 -7.69 5.98
CA SER A 29 -6.19 -7.13 7.16
C SER A 29 -4.99 -7.99 7.54
N ILE A 30 -3.83 -7.34 7.68
CA ILE A 30 -2.62 -8.04 8.05
C ILE A 30 -2.16 -7.66 9.44
N ASP A 31 -1.87 -8.66 10.24
CA ASP A 31 -1.41 -8.46 11.59
C ASP A 31 0.08 -8.24 11.61
N ASN A 32 0.55 -7.52 12.63
CA ASN A 32 1.98 -7.25 12.82
C ASN A 32 2.49 -6.22 11.82
N TYR A 33 1.64 -5.29 11.42
CA TYR A 33 2.08 -4.19 10.57
C TYR A 33 1.45 -2.87 11.01
N GLN A 34 2.27 -1.82 11.05
CA GLN A 34 1.79 -0.50 11.40
C GLN A 34 1.73 0.38 10.16
N LEU A 35 0.97 1.46 10.21
CA LEU A 35 0.81 2.33 9.05
C LEU A 35 1.40 3.71 9.32
N TYR A 36 2.16 4.20 8.35
CA TYR A 36 2.69 5.57 8.40
C TYR A 36 1.99 6.43 7.36
N SER A 37 1.99 7.73 7.58
CA SER A 37 1.44 8.65 6.62
C SER A 37 2.22 9.96 6.64
N LEU A 38 2.71 10.37 5.50
CA LEU A 38 3.32 11.68 5.36
C LEU A 38 2.38 12.59 4.60
N GLY A 39 1.12 12.16 4.52
CA GLY A 39 0.09 12.96 3.88
C GLY A 39 -0.11 12.57 2.44
N HIS A 40 0.93 12.02 1.84
CA HIS A 40 0.88 11.60 0.46
C HIS A 40 0.91 10.08 0.38
N TYR A 41 2.08 9.51 0.65
CA TYR A 41 2.25 8.06 0.66
C TYR A 41 1.79 7.49 2.01
N PRO A 42 0.93 6.48 1.98
CA PRO A 42 0.62 5.68 3.15
C PRO A 42 1.49 4.43 3.20
N GLY A 43 2.50 4.45 4.06
CA GLY A 43 3.47 3.35 4.09
C GLY A 43 3.20 2.40 5.24
N ALA A 44 3.67 1.17 5.13
CA ALA A 44 3.41 0.16 6.15
C ALA A 44 4.64 -0.69 6.40
N VAL A 45 4.84 -1.12 7.65
CA VAL A 45 6.02 -1.92 8.03
C VAL A 45 5.63 -2.91 9.12
N PRO A 46 6.47 -3.95 9.33
CA PRO A 46 6.26 -4.93 10.41
C PRO A 46 6.29 -4.29 11.80
N GLY A 47 5.57 -4.91 12.72
CA GLY A 47 5.48 -4.41 14.08
C GLY A 47 4.33 -5.08 14.81
N ASN A 48 3.48 -4.30 15.46
CA ASN A 48 2.29 -4.84 16.09
C ASN A 48 1.10 -3.94 15.80
N GLY A 49 0.45 -4.22 14.70
CA GLY A 49 -0.75 -3.51 14.30
C GLY A 49 -1.55 -4.34 13.33
N THR A 50 -2.68 -3.83 12.87
CA THR A 50 -3.48 -4.54 11.90
C THR A 50 -3.91 -3.62 10.76
N VAL A 51 -3.26 -3.78 9.61
CA VAL A 51 -3.57 -2.95 8.46
C VAL A 51 -4.75 -3.54 7.71
N HIS A 52 -5.88 -2.84 7.78
CA HIS A 52 -7.11 -3.30 7.15
C HIS A 52 -7.09 -2.94 5.67
N GLY A 53 -6.07 -3.42 4.98
CA GLY A 53 -5.80 -2.98 3.63
C GLY A 53 -6.80 -3.49 2.60
N GLU A 54 -6.72 -2.94 1.41
CA GLU A 54 -7.61 -3.30 0.33
C GLU A 54 -6.79 -3.81 -0.86
N VAL A 55 -6.97 -5.09 -1.19
CA VAL A 55 -6.22 -5.71 -2.27
C VAL A 55 -6.91 -5.49 -3.62
N TYR A 56 -6.14 -5.02 -4.60
CA TYR A 56 -6.70 -4.73 -5.91
C TYR A 56 -5.93 -5.45 -7.01
N ARG A 57 -6.61 -5.64 -8.14
CA ARG A 57 -5.98 -6.18 -9.33
C ARG A 57 -5.95 -5.11 -10.41
N ILE A 58 -4.76 -4.83 -10.93
CA ILE A 58 -4.62 -3.88 -12.02
C ILE A 58 -3.84 -4.52 -13.17
N ASP A 59 -3.66 -3.78 -14.25
CA ASP A 59 -2.81 -4.23 -15.36
C ASP A 59 -1.43 -4.66 -14.87
N ASN A 60 -0.80 -5.61 -15.54
CA ASN A 60 0.55 -6.06 -15.16
C ASN A 60 1.57 -4.95 -15.37
N ALA A 61 1.51 -4.34 -16.54
CA ALA A 61 2.53 -3.39 -16.97
C ALA A 61 2.52 -2.13 -16.11
N THR A 62 1.34 -1.71 -15.67
CA THR A 62 1.23 -0.53 -14.82
C THR A 62 2.05 -0.68 -13.55
N LEU A 63 2.01 -1.88 -12.99
CA LEU A 63 2.70 -2.18 -11.74
C LEU A 63 4.19 -2.08 -11.96
N ALA A 64 4.68 -2.80 -12.97
CA ALA A 64 6.09 -2.81 -13.31
C ALA A 64 6.56 -1.42 -13.69
N GLU A 65 5.64 -0.62 -14.23
CA GLU A 65 5.95 0.75 -14.63
C GLU A 65 6.08 1.64 -13.39
N LEU A 66 5.08 1.60 -12.52
CA LEU A 66 5.09 2.41 -11.30
C LEU A 66 6.29 2.05 -10.45
N ASP A 67 6.60 0.76 -10.38
CA ASP A 67 7.78 0.28 -9.66
C ASP A 67 9.04 0.97 -10.15
N ALA A 68 9.31 0.83 -11.44
CA ALA A 68 10.51 1.41 -12.05
C ALA A 68 10.43 2.93 -12.13
N LEU A 69 9.27 3.48 -11.82
CA LEU A 69 9.12 4.92 -11.72
C LEU A 69 9.47 5.39 -10.31
N ARG A 70 8.92 4.72 -9.32
CA ARG A 70 9.03 5.16 -7.95
C ARG A 70 10.30 4.64 -7.25
N THR A 71 10.67 3.41 -7.49
CA THR A 71 11.78 2.81 -6.76
C THR A 71 12.61 1.87 -7.63
N ARG A 72 13.62 2.44 -8.26
CA ARG A 72 14.55 1.68 -9.08
C ARG A 72 15.73 1.18 -8.25
N GLY A 73 16.09 1.98 -7.26
CA GLY A 73 17.29 1.70 -6.49
C GLY A 73 16.99 1.08 -5.15
N GLY A 74 16.08 1.68 -4.42
CA GLY A 74 15.76 1.19 -3.09
C GLY A 74 15.05 2.24 -2.28
N GLU A 75 14.17 2.97 -2.95
CA GLU A 75 13.39 4.01 -2.33
C GLU A 75 12.40 3.39 -1.36
N TYR A 76 11.82 2.28 -1.79
CA TYR A 76 10.94 1.48 -0.94
C TYR A 76 11.22 0.01 -1.22
N ALA A 77 11.06 -0.81 -0.21
CA ALA A 77 11.37 -2.24 -0.34
C ALA A 77 10.18 -3.01 -0.88
N ARG A 78 10.43 -3.86 -1.87
CA ARG A 78 9.40 -4.74 -2.40
C ARG A 78 9.17 -5.90 -1.46
N GLN A 79 8.04 -5.90 -0.80
CA GLN A 79 7.65 -7.04 0.02
C GLN A 79 6.48 -7.73 -0.63
N LEU A 80 6.76 -8.81 -1.35
CA LEU A 80 5.70 -9.55 -2.02
C LEU A 80 4.99 -10.45 -1.02
N ILE A 81 3.73 -10.14 -0.76
CA ILE A 81 2.96 -10.89 0.22
C ILE A 81 1.90 -11.74 -0.45
N GLN A 82 1.87 -13.00 -0.06
CA GLN A 82 0.93 -13.96 -0.63
C GLN A 82 -0.43 -13.81 0.05
N THR A 83 -1.36 -13.11 -0.59
CA THR A 83 -2.67 -12.92 0.01
C THR A 83 -3.64 -13.97 -0.52
N PRO A 84 -4.78 -14.19 0.16
CA PRO A 84 -5.82 -15.12 -0.32
C PRO A 84 -6.38 -14.71 -1.67
N TYR A 85 -6.14 -13.47 -2.06
CA TYR A 85 -6.61 -12.93 -3.32
C TYR A 85 -5.51 -12.99 -4.36
N GLY A 86 -4.36 -13.54 -3.96
CA GLY A 86 -3.21 -13.60 -4.83
C GLY A 86 -2.05 -12.81 -4.24
N SER A 87 -0.84 -13.11 -4.67
CA SER A 87 0.33 -12.42 -4.18
C SER A 87 0.30 -10.96 -4.61
N ALA A 88 0.42 -10.06 -3.65
CA ALA A 88 0.35 -8.63 -3.92
C ALA A 88 1.62 -7.94 -3.46
N TRP A 89 1.98 -6.86 -4.12
CA TRP A 89 3.17 -6.11 -3.79
C TRP A 89 2.92 -5.16 -2.62
N MET A 90 3.73 -5.29 -1.59
CA MET A 90 3.73 -4.36 -0.46
C MET A 90 5.03 -3.56 -0.47
N TYR A 91 4.93 -2.26 -0.34
CA TYR A 91 6.12 -1.42 -0.31
C TYR A 91 6.36 -0.88 1.10
N VAL A 92 7.41 -1.38 1.73
CA VAL A 92 7.78 -0.90 3.05
C VAL A 92 8.55 0.40 2.90
N TYR A 93 8.10 1.43 3.61
CA TYR A 93 8.75 2.72 3.57
C TYR A 93 10.20 2.59 4.02
N GLN A 94 11.11 2.60 3.05
CA GLN A 94 12.51 2.26 3.31
C GLN A 94 13.28 3.50 3.75
N ARG A 95 12.70 4.66 3.54
CA ARG A 95 13.30 5.90 4.01
C ARG A 95 12.92 6.14 5.46
N PRO A 96 13.61 7.04 6.17
CA PRO A 96 13.29 7.37 7.56
C PRO A 96 11.80 7.64 7.77
N VAL A 97 11.16 6.78 8.56
CA VAL A 97 9.74 6.87 8.81
C VAL A 97 9.46 7.83 9.97
N ASP A 98 10.54 8.31 10.58
CA ASP A 98 10.48 9.21 11.72
C ASP A 98 9.79 10.53 11.38
N GLY A 99 9.60 10.75 10.11
CA GLY A 99 9.05 12.00 9.65
C GLY A 99 7.62 11.86 9.19
N LEU A 100 7.00 10.77 9.60
CA LEU A 100 5.62 10.49 9.21
C LEU A 100 4.75 10.36 10.45
N LYS A 101 3.45 10.29 10.24
CA LYS A 101 2.51 10.04 11.32
C LYS A 101 2.29 8.54 11.44
N LEU A 102 2.33 8.03 12.66
CA LEU A 102 2.22 6.59 12.89
C LEU A 102 0.81 6.22 13.36
N ILE A 103 0.12 5.42 12.56
CA ILE A 103 -1.16 4.89 12.95
C ILE A 103 -0.95 3.49 13.50
N GLU A 104 -0.84 3.43 14.82
CA GLU A 104 -0.67 2.19 15.55
C GLU A 104 -1.80 1.21 15.29
N SER A 105 -2.93 1.73 14.85
CA SER A 105 -4.11 0.93 14.60
C SER A 105 -3.92 0.04 13.38
N GLY A 106 -3.43 0.63 12.30
CA GLY A 106 -3.37 -0.07 11.03
C GLY A 106 -4.54 0.33 10.15
N ASP A 107 -5.39 1.20 10.69
CA ASP A 107 -6.52 1.75 9.96
C ASP A 107 -6.17 3.13 9.42
N TRP A 108 -6.98 3.61 8.50
CA TRP A 108 -6.85 4.97 8.00
C TRP A 108 -7.87 5.82 8.72
N LEU A 109 -9.08 5.29 8.72
CA LEU A 109 -10.21 5.93 9.35
C LEU A 109 -10.51 5.22 10.66
N ASP A 110 -9.73 5.57 11.69
CA ASP A 110 -9.86 4.93 13.01
C ASP A 110 -11.18 5.35 13.65
N ARG A 111 -11.17 6.49 14.36
CA ARG A 111 -12.36 7.13 14.86
C ARG A 111 -12.97 6.39 16.02
N ASP A 112 -13.44 7.19 16.96
CA ASP A 112 -14.26 6.74 18.07
C ASP A 112 -15.24 5.64 17.67
N LYS A 113 -15.99 5.91 16.59
CA LYS A 113 -16.97 4.97 16.04
C LYS A 113 -18.08 4.73 17.06
N MET A 1 -1.08 -5.56 -12.37
CA MET A 1 -0.64 -6.58 -11.40
C MET A 1 -1.42 -6.38 -10.11
N ARG A 2 -1.19 -7.27 -9.14
CA ARG A 2 -1.93 -7.22 -7.90
C ARG A 2 -1.19 -6.38 -6.87
N ILE A 3 -1.86 -5.38 -6.34
CA ILE A 3 -1.25 -4.50 -5.34
C ILE A 3 -2.05 -4.52 -4.05
N PHE A 4 -1.36 -4.37 -2.93
CA PHE A 4 -2.00 -4.21 -1.65
C PHE A 4 -2.20 -2.73 -1.37
N VAL A 5 -3.46 -2.29 -1.39
CA VAL A 5 -3.76 -0.89 -1.18
C VAL A 5 -3.97 -0.59 0.29
N TYR A 6 -2.95 -0.02 0.90
CA TYR A 6 -3.00 0.37 2.30
C TYR A 6 -3.40 1.83 2.42
N GLY A 7 -4.69 2.06 2.61
CA GLY A 7 -5.20 3.40 2.70
C GLY A 7 -6.33 3.64 1.71
N SER A 8 -6.81 4.86 1.64
CA SER A 8 -7.90 5.20 0.74
C SER A 8 -7.39 5.33 -0.69
N LEU A 9 -7.95 4.51 -1.59
CA LEU A 9 -7.63 4.58 -3.01
C LEU A 9 -8.63 5.48 -3.72
N ARG A 10 -9.47 6.12 -2.95
CA ARG A 10 -10.58 6.92 -3.47
C ARG A 10 -10.11 8.31 -3.93
N HIS A 11 -8.81 8.47 -4.13
CA HIS A 11 -8.25 9.73 -4.61
C HIS A 11 -7.93 9.68 -6.09
N LYS A 12 -7.65 10.84 -6.67
CA LYS A 12 -7.30 10.93 -8.09
C LYS A 12 -5.98 10.21 -8.35
N GLN A 13 -6.08 9.12 -9.11
CA GLN A 13 -4.94 8.24 -9.38
C GLN A 13 -4.38 7.68 -8.08
N GLY A 14 -5.22 7.63 -7.05
CA GLY A 14 -4.77 7.27 -5.73
C GLY A 14 -4.57 5.79 -5.54
N ASN A 15 -3.36 5.31 -5.82
CA ASN A 15 -2.92 3.98 -5.40
C ASN A 15 -3.56 2.87 -6.22
N SER A 16 -4.15 3.24 -7.35
CA SER A 16 -4.82 2.28 -8.21
C SER A 16 -5.31 2.93 -9.50
N HIS A 17 -6.07 4.00 -9.32
CA HIS A 17 -6.68 4.76 -10.42
C HIS A 17 -5.63 5.54 -11.23
N TRP A 18 -4.34 5.27 -11.00
CA TRP A 18 -3.25 5.92 -11.75
C TRP A 18 -3.55 5.95 -13.24
N MET A 19 -3.87 4.79 -13.77
CA MET A 19 -4.36 4.67 -15.15
C MET A 19 -5.63 3.83 -15.15
N THR A 20 -5.56 2.70 -14.46
CA THR A 20 -6.73 1.85 -14.28
C THR A 20 -7.56 2.40 -13.12
N ASN A 21 -8.26 1.52 -12.44
CA ASN A 21 -9.10 1.91 -11.33
C ASN A 21 -8.99 0.89 -10.23
N ALA A 22 -9.65 -0.23 -10.43
CA ALA A 22 -9.73 -1.27 -9.42
C ALA A 22 -10.58 -2.44 -9.86
N GLN A 23 -9.99 -3.60 -9.91
CA GLN A 23 -10.73 -4.83 -9.99
C GLN A 23 -10.59 -5.54 -8.65
N LEU A 24 -11.59 -5.37 -7.80
CA LEU A 24 -11.50 -5.86 -6.43
C LEU A 24 -11.33 -7.37 -6.37
N LEU A 25 -10.19 -7.78 -5.84
CA LEU A 25 -9.93 -9.17 -5.59
C LEU A 25 -10.51 -9.54 -4.23
N GLY A 26 -10.29 -8.64 -3.28
CA GLY A 26 -10.86 -8.81 -1.96
C GLY A 26 -10.08 -8.02 -0.94
N ASP A 27 -10.76 -7.51 0.09
CA ASP A 27 -10.06 -6.77 1.13
C ASP A 27 -9.30 -7.73 2.03
N PHE A 28 -8.24 -7.21 2.59
CA PHE A 28 -7.32 -8.00 3.39
C PHE A 28 -6.54 -7.12 4.35
N SER A 29 -6.93 -7.14 5.60
CA SER A 29 -6.23 -6.37 6.62
C SER A 29 -5.14 -7.23 7.26
N ILE A 30 -3.91 -6.77 7.20
CA ILE A 30 -2.79 -7.57 7.65
C ILE A 30 -2.30 -7.13 9.02
N ASP A 31 -2.23 -8.08 9.93
CA ASP A 31 -1.79 -7.83 11.29
C ASP A 31 -0.27 -7.89 11.36
N ASN A 32 0.28 -7.32 12.43
CA ASN A 32 1.73 -7.24 12.63
C ASN A 32 2.36 -6.19 11.71
N TYR A 33 1.58 -5.19 11.31
CA TYR A 33 2.11 -4.08 10.51
C TYR A 33 1.53 -2.75 10.99
N GLN A 34 2.31 -1.69 10.88
CA GLN A 34 1.85 -0.37 11.27
C GLN A 34 1.98 0.59 10.09
N LEU A 35 1.18 1.65 10.11
CA LEU A 35 1.07 2.54 8.96
C LEU A 35 1.54 3.95 9.30
N TYR A 36 2.32 4.55 8.41
CA TYR A 36 2.80 5.91 8.60
C TYR A 36 2.01 6.91 7.77
N SER A 37 1.83 8.09 8.32
CA SER A 37 1.24 9.19 7.60
C SER A 37 2.31 10.23 7.29
N LEU A 38 2.73 10.30 6.03
CA LEU A 38 3.72 11.26 5.60
C LEU A 38 3.14 12.23 4.56
N GLY A 39 1.81 12.29 4.53
CA GLY A 39 1.13 13.29 3.72
C GLY A 39 1.07 12.95 2.25
N HIS A 40 2.23 13.00 1.59
CA HIS A 40 2.35 12.74 0.15
C HIS A 40 1.68 11.42 -0.21
N TYR A 41 2.00 10.40 0.56
CA TYR A 41 1.49 9.06 0.33
C TYR A 41 1.62 8.26 1.61
N PRO A 42 0.95 7.10 1.71
CA PRO A 42 1.06 6.23 2.87
C PRO A 42 2.27 5.30 2.78
N GLY A 43 2.68 4.78 3.93
CA GLY A 43 3.77 3.83 3.97
C GLY A 43 3.65 2.95 5.20
N ALA A 44 3.88 1.64 5.05
CA ALA A 44 3.68 0.72 6.16
C ALA A 44 4.96 -0.05 6.46
N VAL A 45 4.99 -0.71 7.62
CA VAL A 45 6.14 -1.52 8.04
C VAL A 45 5.68 -2.65 8.95
N PRO A 46 6.50 -3.70 9.09
CA PRO A 46 6.23 -4.76 10.06
C PRO A 46 6.36 -4.25 11.50
N GLY A 47 5.33 -4.51 12.29
CA GLY A 47 5.31 -4.05 13.67
C GLY A 47 4.22 -4.73 14.46
N ASN A 48 3.29 -3.96 14.99
CA ASN A 48 2.16 -4.53 15.72
C ASN A 48 0.89 -3.72 15.45
N GLY A 49 0.16 -4.16 14.45
CA GLY A 49 -1.12 -3.56 14.11
C GLY A 49 -1.74 -4.25 12.91
N THR A 50 -3.00 -4.02 12.67
CA THR A 50 -3.69 -4.66 11.56
C THR A 50 -4.07 -3.60 10.51
N VAL A 51 -3.34 -3.60 9.39
CA VAL A 51 -3.51 -2.56 8.40
C VAL A 51 -4.68 -2.87 7.49
N HIS A 52 -5.66 -1.98 7.52
CA HIS A 52 -6.85 -2.13 6.70
C HIS A 52 -6.53 -1.81 5.24
N GLY A 53 -6.34 -2.85 4.46
CA GLY A 53 -6.06 -2.67 3.06
C GLY A 53 -6.92 -3.56 2.19
N GLU A 54 -6.95 -3.28 0.91
CA GLU A 54 -7.69 -4.09 -0.04
C GLU A 54 -6.77 -4.56 -1.17
N VAL A 55 -6.88 -5.82 -1.54
CA VAL A 55 -6.07 -6.37 -2.62
C VAL A 55 -6.75 -6.12 -3.95
N TYR A 56 -6.08 -5.40 -4.83
CA TYR A 56 -6.68 -5.02 -6.10
C TYR A 56 -5.87 -5.50 -7.30
N ARG A 57 -6.56 -5.56 -8.42
CA ARG A 57 -5.97 -5.92 -9.69
C ARG A 57 -6.00 -4.71 -10.62
N ILE A 58 -4.82 -4.22 -10.96
CA ILE A 58 -4.69 -3.14 -11.95
C ILE A 58 -3.86 -3.61 -13.13
N ASP A 59 -3.70 -2.76 -14.14
CA ASP A 59 -2.85 -3.07 -15.29
C ASP A 59 -1.42 -3.46 -14.86
N ASN A 60 -0.93 -4.57 -15.40
CA ASN A 60 0.40 -5.07 -15.07
C ASN A 60 1.51 -4.14 -15.55
N ALA A 61 1.35 -3.60 -16.76
CA ALA A 61 2.35 -2.69 -17.32
C ALA A 61 2.47 -1.43 -16.48
N THR A 62 1.33 -0.90 -16.05
CA THR A 62 1.29 0.26 -15.15
C THR A 62 2.11 -0.03 -13.89
N LEU A 63 2.00 -1.24 -13.40
CA LEU A 63 2.69 -1.67 -12.20
C LEU A 63 4.18 -1.72 -12.45
N ALA A 64 4.55 -2.44 -13.51
CA ALA A 64 5.95 -2.58 -13.89
C ALA A 64 6.57 -1.23 -14.21
N GLU A 65 5.75 -0.30 -14.70
CA GLU A 65 6.24 1.02 -15.04
C GLU A 65 6.48 1.84 -13.78
N LEU A 66 5.51 1.82 -12.88
CA LEU A 66 5.61 2.53 -11.61
C LEU A 66 6.76 1.96 -10.80
N ASP A 67 6.83 0.65 -10.73
CA ASP A 67 7.81 -0.04 -9.90
C ASP A 67 9.23 0.24 -10.39
N ALA A 68 9.42 0.21 -11.70
CA ALA A 68 10.73 0.44 -12.28
C ALA A 68 11.18 1.88 -12.08
N LEU A 69 10.21 2.79 -12.03
CA LEU A 69 10.50 4.21 -11.86
C LEU A 69 10.65 4.60 -10.40
N ARG A 70 9.67 4.22 -9.58
CA ARG A 70 9.58 4.75 -8.24
C ARG A 70 10.43 3.93 -7.27
N THR A 71 10.39 2.63 -7.41
CA THR A 71 11.13 1.76 -6.52
C THR A 71 12.48 1.39 -7.10
N ARG A 72 12.50 0.36 -7.95
CA ARG A 72 13.71 -0.16 -8.58
C ARG A 72 14.79 -0.56 -7.55
N GLY A 73 15.45 0.43 -6.98
CA GLY A 73 16.51 0.18 -6.02
C GLY A 73 15.95 -0.04 -4.64
N GLY A 74 15.21 0.94 -4.14
CA GLY A 74 14.57 0.77 -2.85
C GLY A 74 14.23 2.07 -2.15
N GLU A 75 13.34 2.87 -2.75
CA GLU A 75 12.74 3.98 -2.01
C GLU A 75 11.70 3.39 -1.06
N TYR A 76 11.15 2.25 -1.48
CA TYR A 76 10.30 1.43 -0.64
C TYR A 76 10.72 -0.02 -0.83
N ALA A 77 10.52 -0.83 0.19
CA ALA A 77 10.83 -2.25 0.08
C ALA A 77 9.64 -3.00 -0.49
N ARG A 78 9.83 -3.60 -1.64
CA ARG A 78 8.80 -4.42 -2.25
C ARG A 78 8.69 -5.74 -1.50
N GLN A 79 7.67 -5.84 -0.67
CA GLN A 79 7.44 -7.02 0.11
C GLN A 79 6.29 -7.79 -0.51
N LEU A 80 6.63 -8.81 -1.28
CA LEU A 80 5.60 -9.60 -1.94
C LEU A 80 4.94 -10.53 -0.94
N ILE A 81 3.69 -10.28 -0.66
CA ILE A 81 2.95 -11.08 0.30
C ILE A 81 1.95 -11.96 -0.41
N GLN A 82 1.85 -13.19 0.04
CA GLN A 82 0.91 -14.12 -0.55
C GLN A 82 -0.41 -14.02 0.18
N THR A 83 -1.41 -13.57 -0.53
CA THR A 83 -2.69 -13.28 0.07
C THR A 83 -3.68 -14.39 -0.26
N PRO A 84 -4.83 -14.43 0.44
CA PRO A 84 -5.93 -15.36 0.11
C PRO A 84 -6.52 -15.08 -1.26
N TYR A 85 -5.97 -14.08 -1.94
CA TYR A 85 -6.40 -13.70 -3.27
C TYR A 85 -5.24 -13.84 -4.24
N GLY A 86 -4.23 -14.59 -3.81
CA GLY A 86 -3.10 -14.85 -4.66
C GLY A 86 -1.81 -14.27 -4.13
N SER A 87 -1.55 -13.02 -4.48
CA SER A 87 -0.26 -12.40 -4.21
C SER A 87 -0.36 -10.90 -4.49
N ALA A 88 0.29 -10.11 -3.66
CA ALA A 88 0.22 -8.65 -3.80
C ALA A 88 1.54 -8.01 -3.36
N TRP A 89 1.88 -6.90 -4.01
CA TRP A 89 3.07 -6.15 -3.63
C TRP A 89 2.77 -5.21 -2.47
N MET A 90 3.49 -5.41 -1.37
CA MET A 90 3.38 -4.55 -0.20
C MET A 90 4.59 -3.63 -0.13
N TYR A 91 4.37 -2.32 -0.19
CA TYR A 91 5.48 -1.38 -0.19
C TYR A 91 5.76 -0.84 1.22
N VAL A 92 6.89 -1.25 1.79
CA VAL A 92 7.31 -0.78 3.09
C VAL A 92 8.23 0.41 2.96
N TYR A 93 8.03 1.38 3.85
CA TYR A 93 8.86 2.57 3.89
C TYR A 93 10.34 2.19 3.85
N GLN A 94 11.11 2.91 3.06
CA GLN A 94 12.53 2.65 2.99
C GLN A 94 13.33 3.95 2.96
N ARG A 95 12.71 5.06 3.38
CA ARG A 95 13.39 6.35 3.35
C ARG A 95 13.50 7.01 4.75
N PRO A 96 12.44 7.69 5.27
CA PRO A 96 12.59 8.63 6.38
C PRO A 96 12.24 8.09 7.77
N VAL A 97 10.96 8.22 8.07
CA VAL A 97 10.36 8.01 9.41
C VAL A 97 11.03 8.88 10.49
N ASP A 98 10.67 10.14 10.45
CA ASP A 98 11.07 11.13 11.43
C ASP A 98 10.41 12.45 11.07
N GLY A 99 9.52 12.90 11.92
CA GLY A 99 8.67 14.02 11.57
C GLY A 99 7.39 13.54 10.92
N LEU A 100 7.08 12.26 11.14
CA LEU A 100 5.91 11.62 10.57
C LEU A 100 5.01 11.13 11.69
N LYS A 101 3.77 10.80 11.36
CA LYS A 101 2.85 10.27 12.36
C LYS A 101 2.61 8.79 12.12
N LEU A 102 2.71 8.01 13.20
CA LEU A 102 2.59 6.55 13.11
C LEU A 102 1.22 6.10 13.59
N ILE A 103 0.54 5.33 12.75
CA ILE A 103 -0.72 4.72 13.11
C ILE A 103 -0.46 3.36 13.74
N GLU A 104 -0.51 3.34 15.06
CA GLU A 104 -0.15 2.19 15.89
C GLU A 104 -1.10 0.99 15.75
N SER A 105 -1.80 0.88 14.64
CA SER A 105 -2.81 -0.18 14.47
C SER A 105 -3.20 -0.35 12.99
N GLY A 106 -2.89 0.63 12.15
CA GLY A 106 -3.00 0.42 10.72
C GLY A 106 -4.34 0.79 10.13
N ASP A 107 -5.09 1.64 10.79
CA ASP A 107 -6.32 2.16 10.21
C ASP A 107 -6.04 3.50 9.54
N TRP A 108 -6.46 3.63 8.30
CA TRP A 108 -6.17 4.84 7.52
C TRP A 108 -6.94 6.05 8.05
N LEU A 109 -8.11 5.81 8.63
CA LEU A 109 -9.02 6.88 8.93
C LEU A 109 -9.32 6.98 10.42
N ASP A 110 -9.63 5.82 11.02
CA ASP A 110 -10.00 5.73 12.44
C ASP A 110 -11.36 6.36 12.72
N ARG A 111 -11.52 7.60 12.27
CA ARG A 111 -12.72 8.36 12.51
C ARG A 111 -13.70 8.20 11.37
N ASP A 112 -14.33 7.05 11.36
CA ASP A 112 -15.39 6.76 10.43
C ASP A 112 -16.69 6.75 11.23
N LYS A 113 -17.50 5.71 11.04
CA LYS A 113 -18.78 5.58 11.72
C LYS A 113 -19.60 6.86 11.61
#